data_4AI9
#
_entry.id   4AI9
#
_cell.length_a   100.476
_cell.length_b   149.752
_cell.length_c   57.533
_cell.angle_alpha   90.00
_cell.angle_beta   90.00
_cell.angle_gamma   90.00
#
_symmetry.space_group_name_H-M   'P 21 21 2'
#
loop_
_entity.id
_entity.type
_entity.pdbx_description
1 polymer 'LYSINE-SPECIFIC DEMETHYLASE 4A'
2 non-polymer 'NICKEL (II) ION'
3 non-polymer 'ZINC ION'
4 non-polymer 'CHLORIDE ION'
5 non-polymer DAMINOZIDE
6 non-polymer GLYCEROL
7 water water
#
_entity_poly.entity_id   1
_entity_poly.type   'polypeptide(L)'
_entity_poly.pdbx_seq_one_letter_code
;MHHHHHHSSGVDLGTENLYFQSMASESETLNPSARIMTFYPTMEEFRNFSRYIAYIESQGAHRAGLAKVVPPKEWKPRAS
YDDIDDLVIPAPIQQLVTGQSGLFTQYNIQKKAMTVREFRKIANSDKYCTPRYSEFEELERKYWKNLTFNPPIYGADVNG
TLYEKHVDEWNIGRLRTILDLVEKESGITIEGVNTPYLYFGMWKTSFAWHTEDMDLYSINYLHFGEPKSWYSVPPEHGKR
LERLAKGFFPGSAQSCEAFLRHKMTLISPLMLKKYGIPFDKVTQEAGEFMITFPYGYHAGFNHGFNCAESTNFATRRWIE
YGKQAVLCSCRKDMVKISMDVFVRKFQPERYKLWKAGKDNTVIDHTLPTPEAAEFLKESEL
;
_entity_poly.pdbx_strand_id   A,B
#
loop_
_chem_comp.id
_chem_comp.type
_chem_comp.name
_chem_comp.formula
CL non-polymer 'CHLORIDE ION' 'Cl -1'
DZA non-polymer DAMINOZIDE 'C6 H12 N2 O3'
GOL non-polymer GLYCEROL 'C3 H8 O3'
NI non-polymer 'NICKEL (II) ION' 'Ni 2'
ZN non-polymer 'ZINC ION' 'Zn 2'
#
# COMPACT_ATOMS: atom_id res chain seq x y z
N LEU A 30 -5.77 -19.15 -1.74
CA LEU A 30 -5.03 -17.89 -2.07
C LEU A 30 -5.19 -16.87 -0.93
N ASN A 31 -4.39 -15.80 -0.95
CA ASN A 31 -4.42 -14.75 0.08
C ASN A 31 -4.49 -15.35 1.49
N PRO A 32 -3.41 -16.01 1.93
CA PRO A 32 -3.34 -16.65 3.25
C PRO A 32 -3.28 -15.69 4.44
N SER A 33 -2.94 -14.42 4.19
CA SER A 33 -2.88 -13.46 5.29
C SER A 33 -4.23 -12.77 5.42
N ALA A 34 -5.10 -13.03 4.45
CA ALA A 34 -6.44 -12.47 4.44
C ALA A 34 -6.42 -10.95 4.53
N ARG A 35 -5.49 -10.33 3.80
CA ARG A 35 -5.38 -8.87 3.78
C ARG A 35 -6.17 -8.25 2.64
N ILE A 36 -6.62 -7.02 2.85
CA ILE A 36 -7.40 -6.30 1.86
C ILE A 36 -6.66 -6.09 0.54
N MET A 37 -7.27 -6.57 -0.54
CA MET A 37 -6.66 -6.46 -1.85
C MET A 37 -7.25 -5.36 -2.70
N THR A 38 -6.40 -4.81 -3.57
CA THR A 38 -6.80 -3.75 -4.47
C THR A 38 -6.70 -4.28 -5.90
N PHE A 39 -7.68 -3.96 -6.73
CA PHE A 39 -7.68 -4.42 -8.12
C PHE A 39 -7.81 -3.30 -9.12
N TYR A 40 -7.23 -3.50 -10.30
CA TYR A 40 -7.29 -2.51 -11.36
C TYR A 40 -7.76 -3.10 -12.70
N PRO A 41 -9.06 -3.35 -12.83
CA PRO A 41 -9.57 -3.91 -14.10
C PRO A 41 -9.38 -3.03 -15.34
N THR A 42 -9.16 -3.68 -16.48
CA THR A 42 -9.02 -2.95 -17.75
C THR A 42 -10.47 -2.69 -18.11
N MET A 43 -10.72 -1.82 -19.07
CA MET A 43 -12.09 -1.53 -19.44
C MET A 43 -12.82 -2.80 -19.86
N GLU A 44 -12.13 -3.70 -20.55
CA GLU A 44 -12.75 -4.95 -20.98
C GLU A 44 -13.18 -5.77 -19.77
N GLU A 45 -12.33 -5.78 -18.73
CA GLU A 45 -12.63 -6.52 -17.52
C GLU A 45 -13.77 -5.88 -16.73
N PHE A 46 -13.76 -4.56 -16.65
CA PHE A 46 -14.76 -3.80 -15.92
C PHE A 46 -16.20 -3.99 -16.39
N ARG A 47 -16.41 -4.15 -17.69
CA ARG A 47 -17.76 -4.30 -18.23
C ARG A 47 -18.69 -5.36 -17.64
N ASN A 48 -18.18 -6.55 -17.36
CA ASN A 48 -19.05 -7.56 -16.78
C ASN A 48 -18.85 -7.59 -15.27
N PHE A 49 -19.78 -6.99 -14.52
CA PHE A 49 -19.70 -6.93 -13.05
C PHE A 49 -19.66 -8.28 -12.32
N SER A 50 -20.65 -9.13 -12.54
CA SER A 50 -20.69 -10.44 -11.88
C SER A 50 -19.47 -11.28 -12.21
N ARG A 51 -18.95 -11.10 -13.42
CA ARG A 51 -17.79 -11.84 -13.86
C ARG A 51 -16.52 -11.38 -13.13
N TYR A 52 -16.41 -10.07 -12.90
CA TYR A 52 -15.23 -9.56 -12.22
C TYR A 52 -15.27 -9.91 -10.73
N ILE A 53 -16.47 -9.97 -10.16
CA ILE A 53 -16.57 -10.31 -8.76
C ILE A 53 -16.11 -11.75 -8.62
N ALA A 54 -16.47 -12.58 -9.60
CA ALA A 54 -16.07 -13.98 -9.59
C ALA A 54 -14.55 -14.03 -9.70
N TYR A 55 -13.99 -13.11 -10.49
CA TYR A 55 -12.55 -13.09 -10.69
C TYR A 55 -11.78 -12.73 -9.44
N ILE A 56 -12.14 -11.64 -8.78
CA ILE A 56 -11.39 -11.28 -7.59
C ILE A 56 -11.54 -12.35 -6.52
N GLU A 57 -12.65 -13.09 -6.50
CA GLU A 57 -12.77 -14.12 -5.50
C GLU A 57 -11.81 -15.26 -5.83
N SER A 58 -11.56 -15.50 -7.10
CA SER A 58 -10.64 -16.57 -7.46
C SER A 58 -9.24 -16.17 -7.02
N GLN A 59 -9.04 -14.89 -6.75
CA GLN A 59 -7.75 -14.39 -6.30
C GLN A 59 -7.69 -14.29 -4.77
N GLY A 60 -8.78 -14.69 -4.13
CA GLY A 60 -8.84 -14.67 -2.68
C GLY A 60 -9.29 -13.37 -2.03
N ALA A 61 -9.76 -12.43 -2.83
CA ALA A 61 -10.21 -11.14 -2.31
C ALA A 61 -11.30 -11.19 -1.24
N HIS A 62 -12.12 -12.25 -1.22
CA HIS A 62 -13.19 -12.34 -0.24
C HIS A 62 -12.71 -12.67 1.17
N ARG A 63 -11.54 -13.28 1.25
CA ARG A 63 -11.01 -13.68 2.56
C ARG A 63 -10.86 -12.52 3.55
N ALA A 64 -10.54 -11.33 3.07
CA ALA A 64 -10.40 -10.18 3.97
C ALA A 64 -11.75 -9.59 4.35
N GLY A 65 -12.80 -10.02 3.67
CA GLY A 65 -14.13 -9.50 3.93
C GLY A 65 -14.31 -8.17 3.24
N LEU A 66 -13.23 -7.62 2.67
CA LEU A 66 -13.30 -6.32 1.99
C LEU A 66 -12.26 -6.20 0.88
N ALA A 67 -12.62 -5.52 -0.21
CA ALA A 67 -11.69 -5.34 -1.32
C ALA A 67 -11.94 -4.03 -2.06
N LYS A 68 -10.88 -3.39 -2.54
CA LYS A 68 -11.00 -2.14 -3.27
C LYS A 68 -10.84 -2.40 -4.77
N VAL A 69 -11.66 -1.72 -5.58
CA VAL A 69 -11.60 -1.86 -7.02
C VAL A 69 -11.50 -0.47 -7.61
N VAL A 70 -10.37 -0.19 -8.26
CA VAL A 70 -10.15 1.10 -8.89
C VAL A 70 -10.55 0.94 -10.34
N PRO A 71 -11.52 1.76 -10.79
CA PRO A 71 -11.93 1.63 -12.19
C PRO A 71 -10.94 2.21 -13.22
N PRO A 72 -10.96 1.68 -14.45
CA PRO A 72 -10.07 2.19 -15.49
C PRO A 72 -10.23 3.71 -15.56
N LYS A 73 -9.10 4.42 -15.62
CA LYS A 73 -9.05 5.89 -15.67
C LYS A 73 -10.08 6.57 -16.61
N GLU A 74 -10.42 5.88 -17.68
CA GLU A 74 -11.35 6.39 -18.70
C GLU A 74 -12.88 6.30 -18.38
N TRP A 75 -13.23 5.70 -17.24
CA TRP A 75 -14.62 5.56 -16.85
C TRP A 75 -15.09 6.66 -15.89
N LYS A 76 -16.35 7.01 -15.98
CA LYS A 76 -16.92 8.03 -15.11
C LYS A 76 -18.43 7.84 -15.17
N PRO A 77 -19.07 7.77 -14.00
CA PRO A 77 -20.51 7.59 -13.89
C PRO A 77 -21.31 8.88 -14.05
N ARG A 78 -20.62 10.03 -14.06
CA ARG A 78 -21.34 11.29 -14.20
C ARG A 78 -20.44 12.37 -14.79
N ALA A 79 -21.02 13.24 -15.61
CA ALA A 79 -20.26 14.31 -16.23
C ALA A 79 -19.74 15.27 -15.17
N SER A 80 -20.65 15.78 -14.34
CA SER A 80 -20.30 16.69 -13.25
C SER A 80 -21.27 16.52 -12.11
N TYR A 81 -20.81 16.88 -10.91
CA TYR A 81 -21.62 16.81 -9.68
C TYR A 81 -21.95 18.22 -9.26
N ASP A 82 -22.38 19.06 -10.19
CA ASP A 82 -22.66 20.45 -9.88
C ASP A 82 -24.10 20.95 -9.81
N ASP A 83 -25.06 20.08 -10.09
CA ASP A 83 -26.48 20.46 -10.05
C ASP A 83 -27.24 19.88 -8.85
N ILE A 84 -26.53 19.15 -7.99
CA ILE A 84 -27.16 18.52 -6.85
C ILE A 84 -27.28 19.32 -5.56
N ASP A 85 -26.81 20.55 -5.53
CA ASP A 85 -26.91 21.37 -4.32
C ASP A 85 -28.38 21.54 -3.90
N ASP A 86 -29.28 21.11 -4.78
CA ASP A 86 -30.72 21.19 -4.50
C ASP A 86 -31.29 19.91 -3.92
N LEU A 87 -30.56 18.79 -4.10
CA LEU A 87 -31.01 17.50 -3.61
C LEU A 87 -31.36 17.61 -2.12
N VAL A 88 -32.50 17.06 -1.73
CA VAL A 88 -32.90 17.12 -0.33
C VAL A 88 -32.37 15.91 0.40
N ILE A 89 -31.94 16.09 1.64
CA ILE A 89 -31.49 14.99 2.45
C ILE A 89 -32.63 14.99 3.46
N PRO A 90 -33.70 14.23 3.19
CA PRO A 90 -34.89 14.15 4.05
C PRO A 90 -34.68 13.78 5.51
N ALA A 91 -33.62 13.02 5.83
CA ALA A 91 -33.42 12.64 7.22
C ALA A 91 -31.97 12.63 7.70
N PRO A 92 -31.38 13.81 7.88
CA PRO A 92 -29.98 13.88 8.33
C PRO A 92 -29.93 13.30 9.74
N ILE A 93 -28.77 12.80 10.14
CA ILE A 93 -28.60 12.19 11.45
C ILE A 93 -27.47 12.81 12.24
N GLN A 94 -27.73 13.18 13.48
CA GLN A 94 -26.68 13.73 14.31
C GLN A 94 -26.17 12.51 15.08
N GLN A 95 -24.88 12.23 14.97
CA GLN A 95 -24.31 11.07 15.62
C GLN A 95 -23.70 11.29 16.99
N LEU A 96 -24.47 11.02 18.02
CA LEU A 96 -23.95 11.17 19.37
C LEU A 96 -23.33 9.86 19.79
N VAL A 97 -22.13 9.95 20.33
CA VAL A 97 -21.38 8.78 20.73
C VAL A 97 -20.96 8.82 22.18
N THR A 98 -21.23 7.74 22.92
CA THR A 98 -20.85 7.65 24.31
C THR A 98 -19.96 6.42 24.53
N GLY A 99 -18.95 6.55 25.38
CA GLY A 99 -18.07 5.44 25.66
C GLY A 99 -16.69 5.86 26.15
N GLN A 100 -15.85 4.87 26.36
CA GLN A 100 -14.48 5.09 26.82
C GLN A 100 -13.66 3.82 26.54
N SER A 101 -12.34 3.95 26.63
CA SER A 101 -11.41 2.85 26.41
C SER A 101 -11.66 2.04 25.14
N GLY A 102 -11.92 2.72 24.02
CA GLY A 102 -12.14 2.02 22.76
C GLY A 102 -13.49 1.36 22.53
N LEU A 103 -14.41 1.45 23.49
CA LEU A 103 -15.74 0.85 23.34
C LEU A 103 -16.76 1.98 23.38
N PHE A 104 -17.57 2.06 22.33
CA PHE A 104 -18.57 3.13 22.21
C PHE A 104 -19.93 2.66 21.68
N THR A 105 -20.93 3.48 21.93
CA THR A 105 -22.29 3.22 21.44
C THR A 105 -22.72 4.51 20.75
N GLN A 106 -23.21 4.39 19.52
CA GLN A 106 -23.61 5.56 18.73
C GLN A 106 -25.13 5.72 18.68
N TYR A 107 -25.60 6.89 19.05
CA TYR A 107 -27.03 7.21 19.07
C TYR A 107 -27.35 8.20 17.97
N ASN A 108 -28.25 7.82 17.08
CA ASN A 108 -28.64 8.69 16.00
C ASN A 108 -29.81 9.57 16.46
N ILE A 109 -29.74 10.84 16.10
CA ILE A 109 -30.80 11.78 16.43
C ILE A 109 -31.17 12.40 15.08
N GLN A 110 -32.41 12.22 14.67
CA GLN A 110 -32.86 12.75 13.40
C GLN A 110 -33.08 14.26 13.44
N LYS A 111 -32.45 14.96 12.49
CA LYS A 111 -32.59 16.40 12.40
C LYS A 111 -33.56 16.67 11.26
N LYS A 112 -34.02 17.92 11.14
CA LYS A 112 -34.96 18.28 10.08
C LYS A 112 -34.30 18.24 8.71
N ALA A 113 -35.09 17.98 7.68
CA ALA A 113 -34.59 17.91 6.32
C ALA A 113 -33.74 19.12 5.98
N MET A 114 -32.81 18.93 5.06
CA MET A 114 -31.93 19.99 4.60
C MET A 114 -31.41 19.57 3.23
N THR A 115 -30.99 20.53 2.44
CA THR A 115 -30.49 20.23 1.11
C THR A 115 -28.96 20.13 1.20
N VAL A 116 -28.31 19.67 0.12
CA VAL A 116 -26.85 19.52 0.10
C VAL A 116 -26.08 20.78 0.48
N ARG A 117 -26.50 21.91 -0.11
CA ARG A 117 -25.90 23.22 0.14
C ARG A 117 -25.80 23.45 1.63
N GLU A 118 -26.93 23.28 2.32
CA GLU A 118 -26.99 23.47 3.77
C GLU A 118 -26.00 22.54 4.47
N PHE A 119 -25.84 21.35 3.92
CA PHE A 119 -24.94 20.36 4.48
C PHE A 119 -23.46 20.71 4.27
N ARG A 120 -23.09 21.03 3.02
CA ARG A 120 -21.69 21.34 2.72
C ARG A 120 -21.16 22.47 3.59
N LYS A 121 -21.99 23.49 3.78
CA LYS A 121 -21.59 24.64 4.58
C LYS A 121 -21.42 24.24 6.04
N ILE A 122 -22.31 23.40 6.56
CA ILE A 122 -22.16 22.97 7.94
C ILE A 122 -20.85 22.18 8.01
N ALA A 123 -20.69 21.28 7.05
CA ALA A 123 -19.51 20.44 6.97
C ALA A 123 -18.18 21.19 6.89
N ASN A 124 -18.09 22.19 6.02
CA ASN A 124 -16.85 22.94 5.86
C ASN A 124 -16.64 24.08 6.86
N SER A 125 -17.65 24.35 7.68
CA SER A 125 -17.50 25.42 8.66
C SER A 125 -16.39 25.04 9.63
N ASP A 126 -15.66 26.04 10.11
CA ASP A 126 -14.57 25.79 11.05
C ASP A 126 -14.95 24.93 12.24
N LYS A 127 -16.24 24.77 12.49
CA LYS A 127 -16.67 23.96 13.64
C LYS A 127 -16.70 22.46 13.35
N TYR A 128 -17.02 22.08 12.12
CA TYR A 128 -17.12 20.68 11.72
C TYR A 128 -16.14 20.20 10.65
N CYS A 129 -15.23 21.07 10.20
CA CYS A 129 -14.29 20.65 9.15
C CYS A 129 -13.18 19.71 9.61
N THR A 130 -12.51 19.11 8.61
CA THR A 130 -11.42 18.18 8.87
C THR A 130 -10.28 18.88 9.62
N PRO A 131 -9.69 18.19 10.61
CA PRO A 131 -8.58 18.79 11.36
C PRO A 131 -7.36 18.86 10.44
N ARG A 132 -6.32 19.57 10.85
CA ARG A 132 -5.15 19.59 9.98
C ARG A 132 -4.37 18.34 10.35
N TYR A 133 -3.76 17.70 9.36
CA TYR A 133 -2.99 16.50 9.62
C TYR A 133 -1.99 16.33 8.49
N SER A 134 -0.99 15.48 8.71
CA SER A 134 0.04 15.23 7.72
C SER A 134 -0.10 13.85 7.08
N GLU A 135 -0.53 12.88 7.89
CA GLU A 135 -0.68 11.49 7.47
C GLU A 135 -2.00 10.92 7.98
N PHE A 136 -2.41 9.78 7.41
CA PHE A 136 -3.64 9.10 7.81
CA PHE A 136 -3.66 9.17 7.83
C PHE A 136 -3.57 8.61 9.25
N GLU A 137 -2.39 8.14 9.66
CA GLU A 137 -2.23 7.62 11.01
C GLU A 137 -2.66 8.68 12.01
N GLU A 138 -2.34 9.93 11.68
CA GLU A 138 -2.67 11.07 12.54
C GLU A 138 -4.17 11.34 12.55
N LEU A 139 -4.79 11.35 11.38
CA LEU A 139 -6.23 11.61 11.33
C LEU A 139 -6.97 10.50 12.10
N GLU A 140 -6.51 9.26 11.92
CA GLU A 140 -7.12 8.11 12.59
C GLU A 140 -7.08 8.29 14.09
N ARG A 141 -5.93 8.74 14.59
CA ARG A 141 -5.76 8.97 16.01
C ARG A 141 -6.71 10.04 16.48
N LYS A 142 -6.83 11.11 15.71
CA LYS A 142 -7.73 12.19 16.10
C LYS A 142 -9.18 11.72 16.09
N TYR A 143 -9.50 10.79 15.20
CA TYR A 143 -10.86 10.28 15.12
C TYR A 143 -11.24 9.57 16.40
N TRP A 144 -10.43 8.58 16.77
CA TRP A 144 -10.68 7.81 17.97
C TRP A 144 -10.54 8.60 19.25
N LYS A 145 -9.82 9.71 19.22
CA LYS A 145 -9.65 10.52 20.42
C LYS A 145 -10.82 11.48 20.56
N ASN A 146 -11.33 11.97 19.44
CA ASN A 146 -12.44 12.92 19.46
C ASN A 146 -13.83 12.47 19.03
N LEU A 147 -14.05 11.19 18.74
CA LEU A 147 -15.39 10.78 18.29
C LEU A 147 -16.55 11.05 19.26
N THR A 148 -16.30 11.19 20.56
CA THR A 148 -17.41 11.47 21.47
C THR A 148 -17.69 12.97 21.60
N PHE A 149 -16.82 13.79 21.04
CA PHE A 149 -16.94 15.25 21.12
C PHE A 149 -17.54 15.86 19.84
N ASN A 150 -18.18 17.02 19.98
CA ASN A 150 -18.78 17.75 18.86
C ASN A 150 -19.51 16.85 17.84
N PRO A 151 -20.61 16.21 18.25
CA PRO A 151 -21.34 15.32 17.32
C PRO A 151 -21.64 15.91 15.95
N PRO A 152 -21.20 15.20 14.88
CA PRO A 152 -21.41 15.63 13.50
C PRO A 152 -22.74 15.16 12.93
N ILE A 153 -23.05 15.61 11.71
CA ILE A 153 -24.28 15.27 11.04
C ILE A 153 -23.93 14.41 9.84
N TYR A 154 -24.70 13.36 9.59
CA TYR A 154 -24.47 12.46 8.47
C TYR A 154 -25.73 12.42 7.61
N GLY A 155 -25.62 12.84 6.36
CA GLY A 155 -26.76 12.82 5.49
C GLY A 155 -26.81 11.44 4.91
N ALA A 156 -27.16 10.48 5.75
CA ALA A 156 -27.21 9.07 5.37
C ALA A 156 -28.54 8.51 4.91
N ASP A 157 -28.45 7.36 4.25
CA ASP A 157 -29.60 6.65 3.73
C ASP A 157 -30.52 7.48 2.87
N VAL A 158 -29.99 8.21 1.90
CA VAL A 158 -30.89 8.98 1.06
C VAL A 158 -31.16 8.21 -0.23
N ASN A 159 -32.43 7.85 -0.44
CA ASN A 159 -32.83 7.11 -1.63
C ASN A 159 -32.37 7.87 -2.88
N GLY A 160 -31.82 7.16 -3.85
CA GLY A 160 -31.38 7.82 -5.06
C GLY A 160 -30.03 7.36 -5.56
N THR A 161 -29.65 7.85 -6.72
CA THR A 161 -28.39 7.52 -7.37
C THR A 161 -27.85 8.75 -8.08
N LEU A 162 -26.54 8.79 -8.28
CA LEU A 162 -25.93 9.92 -8.96
C LEU A 162 -25.44 9.51 -10.33
N TYR A 163 -25.73 8.26 -10.68
CA TYR A 163 -25.35 7.71 -11.98
C TYR A 163 -26.26 8.23 -13.06
N GLU A 164 -25.71 8.44 -14.25
CA GLU A 164 -26.50 8.91 -15.36
C GLU A 164 -27.16 7.64 -15.92
N LYS A 165 -28.46 7.71 -16.23
CA LYS A 165 -29.23 6.56 -16.73
C LYS A 165 -28.65 5.74 -17.88
N HIS A 166 -27.55 6.18 -18.47
CA HIS A 166 -26.95 5.45 -19.60
C HIS A 166 -25.66 4.70 -19.27
N VAL A 167 -25.13 4.92 -18.07
CA VAL A 167 -23.91 4.24 -17.69
C VAL A 167 -24.24 2.77 -17.44
N ASP A 168 -23.66 1.87 -18.23
CA ASP A 168 -23.93 0.44 -18.08
C ASP A 168 -22.88 -0.39 -17.35
N GLU A 169 -21.80 0.25 -16.91
CA GLU A 169 -20.76 -0.49 -16.20
C GLU A 169 -20.87 -0.21 -14.70
N TRP A 170 -20.94 -1.27 -13.90
CA TRP A 170 -21.03 -1.13 -12.44
C TRP A 170 -22.05 -0.07 -12.00
N ASN A 171 -23.21 -0.08 -12.65
CA ASN A 171 -24.25 0.88 -12.29
C ASN A 171 -24.89 0.32 -11.02
N ILE A 172 -24.69 1.00 -9.91
CA ILE A 172 -25.22 0.56 -8.63
C ILE A 172 -26.75 0.48 -8.62
N GLY A 173 -27.40 1.17 -9.57
CA GLY A 173 -28.85 1.13 -9.62
C GLY A 173 -29.42 -0.12 -10.28
N ARG A 174 -28.58 -0.83 -11.03
CA ARG A 174 -29.03 -2.04 -11.73
C ARG A 174 -27.87 -2.98 -12.09
N LEU A 175 -27.28 -3.63 -11.08
CA LEU A 175 -26.15 -4.54 -11.29
C LEU A 175 -26.50 -5.88 -11.93
N ARG A 176 -27.78 -6.25 -11.87
CA ARG A 176 -28.26 -7.50 -12.46
C ARG A 176 -27.71 -8.80 -11.87
N THR A 177 -27.57 -8.87 -10.56
CA THR A 177 -27.09 -10.09 -9.94
C THR A 177 -28.32 -10.89 -9.54
N ILE A 178 -28.11 -12.10 -9.03
CA ILE A 178 -29.25 -12.91 -8.65
C ILE A 178 -30.08 -12.35 -7.50
N LEU A 179 -29.68 -11.22 -6.94
CA LEU A 179 -30.44 -10.65 -5.85
C LEU A 179 -31.72 -10.06 -6.41
N ASP A 180 -31.72 -9.81 -7.72
CA ASP A 180 -32.91 -9.24 -8.34
C ASP A 180 -34.08 -10.19 -8.17
N LEU A 181 -33.77 -11.46 -7.89
CA LEU A 181 -34.81 -12.48 -7.70
C LEU A 181 -35.85 -12.13 -6.65
N VAL A 182 -35.55 -11.18 -5.77
CA VAL A 182 -36.53 -10.81 -4.76
C VAL A 182 -37.57 -9.89 -5.39
N GLU A 183 -37.10 -8.86 -6.08
CA GLU A 183 -38.01 -7.94 -6.75
C GLU A 183 -38.72 -8.74 -7.83
N LYS A 184 -37.93 -9.49 -8.60
CA LYS A 184 -38.44 -10.29 -9.71
C LYS A 184 -39.47 -11.37 -9.38
N GLU A 185 -39.57 -11.82 -8.13
CA GLU A 185 -40.56 -12.84 -7.84
C GLU A 185 -41.65 -12.39 -6.89
N SER A 186 -41.39 -11.31 -6.17
CA SER A 186 -42.39 -10.80 -5.21
C SER A 186 -42.63 -9.30 -5.26
N GLY A 187 -41.99 -8.62 -6.22
CA GLY A 187 -42.18 -7.20 -6.33
C GLY A 187 -41.68 -6.43 -5.12
N ILE A 188 -41.05 -7.15 -4.20
CA ILE A 188 -40.52 -6.56 -2.98
C ILE A 188 -39.19 -5.83 -3.18
N THR A 189 -39.18 -4.53 -2.89
CA THR A 189 -37.94 -3.77 -2.97
C THR A 189 -37.71 -3.32 -1.53
N ILE A 190 -36.45 -3.31 -1.15
CA ILE A 190 -36.05 -2.94 0.19
C ILE A 190 -35.07 -1.80 0.00
N GLU A 191 -35.47 -0.60 0.40
CA GLU A 191 -34.62 0.57 0.24
C GLU A 191 -33.21 0.34 0.77
N GLY A 192 -32.22 0.65 -0.07
CA GLY A 192 -30.82 0.49 0.31
C GLY A 192 -30.27 -0.91 0.08
N VAL A 193 -31.17 -1.89 -0.05
CA VAL A 193 -30.78 -3.29 -0.26
C VAL A 193 -30.78 -3.64 -1.74
N ASN A 194 -31.93 -3.55 -2.41
CA ASN A 194 -31.92 -3.80 -3.84
C ASN A 194 -32.18 -2.49 -4.57
N THR A 195 -31.96 -1.39 -3.86
CA THR A 195 -32.10 -0.03 -4.40
C THR A 195 -30.92 0.78 -3.84
N PRO A 196 -30.45 1.78 -4.60
CA PRO A 196 -29.33 2.63 -4.20
C PRO A 196 -29.62 3.66 -3.11
N TYR A 197 -28.60 3.88 -2.29
CA TYR A 197 -28.64 4.83 -1.19
C TYR A 197 -27.48 5.81 -1.42
N LEU A 198 -27.60 7.01 -0.87
CA LEU A 198 -26.55 8.00 -1.01
C LEU A 198 -26.22 8.43 0.39
N TYR A 199 -24.95 8.71 0.64
CA TYR A 199 -24.52 9.14 1.95
C TYR A 199 -23.64 10.36 1.75
N PHE A 200 -23.95 11.42 2.48
CA PHE A 200 -23.21 12.65 2.44
C PHE A 200 -22.59 12.71 3.83
N GLY A 201 -21.27 12.69 3.90
CA GLY A 201 -20.66 12.72 5.20
C GLY A 201 -19.83 13.96 5.41
N MET A 202 -19.29 14.06 6.61
CA MET A 202 -18.45 15.17 7.01
C MET A 202 -17.48 14.54 8.00
N TRP A 203 -16.39 15.25 8.30
CA TRP A 203 -15.39 14.74 9.22
C TRP A 203 -15.97 14.11 10.48
N LYS A 204 -15.44 12.93 10.82
CA LYS A 204 -15.85 12.19 12.01
C LYS A 204 -17.19 11.43 11.93
N THR A 205 -17.85 11.38 10.77
CA THR A 205 -19.09 10.62 10.73
C THR A 205 -18.73 9.13 10.56
N SER A 206 -19.38 8.26 11.33
CA SER A 206 -19.07 6.83 11.33
C SER A 206 -20.14 5.84 10.91
N PHE A 207 -19.67 4.65 10.53
CA PHE A 207 -20.55 3.55 10.25
C PHE A 207 -20.01 2.51 11.21
N ALA A 208 -20.89 2.05 12.09
CA ALA A 208 -20.57 1.09 13.13
C ALA A 208 -20.25 -0.32 12.59
N TRP A 209 -19.68 -1.18 13.44
CA TRP A 209 -19.36 -2.53 13.03
C TRP A 209 -20.60 -3.30 12.67
N HIS A 210 -20.60 -3.91 11.50
CA HIS A 210 -21.77 -4.67 11.06
C HIS A 210 -21.45 -5.50 9.83
N THR A 211 -22.33 -6.45 9.51
CA THR A 211 -22.23 -7.22 8.28
C THR A 211 -23.50 -6.70 7.60
N GLU A 212 -23.67 -6.93 6.31
CA GLU A 212 -24.85 -6.44 5.62
C GLU A 212 -26.09 -7.26 6.00
N ASP A 213 -27.28 -6.71 5.72
CA ASP A 213 -28.52 -7.41 6.00
C ASP A 213 -28.45 -8.76 5.27
N MET A 214 -28.93 -9.81 5.93
CA MET A 214 -28.91 -11.15 5.34
C MET A 214 -27.49 -11.53 4.93
N ASP A 215 -26.51 -10.87 5.55
CA ASP A 215 -25.11 -11.12 5.27
C ASP A 215 -24.78 -11.08 3.78
N LEU A 216 -25.41 -10.17 3.06
CA LEU A 216 -25.19 -10.01 1.63
C LEU A 216 -23.87 -9.31 1.31
N TYR A 217 -23.62 -9.12 0.01
CA TYR A 217 -22.47 -8.38 -0.46
C TYR A 217 -22.96 -6.94 -0.49
N SER A 218 -22.03 -6.02 -0.70
CA SER A 218 -22.39 -4.63 -0.81
C SER A 218 -21.30 -4.02 -1.67
N ILE A 219 -21.63 -2.93 -2.33
CA ILE A 219 -20.72 -2.23 -3.21
C ILE A 219 -20.87 -0.79 -2.80
N ASN A 220 -19.76 -0.07 -2.70
CA ASN A 220 -19.80 1.33 -2.30
C ASN A 220 -18.90 2.14 -3.21
N TYR A 221 -19.45 3.22 -3.78
CA TYR A 221 -18.71 4.07 -4.69
C TYR A 221 -18.62 5.48 -4.13
N LEU A 222 -17.40 6.00 -3.99
CA LEU A 222 -17.24 7.34 -3.46
C LEU A 222 -17.28 8.29 -4.64
N HIS A 223 -18.37 9.05 -4.77
CA HIS A 223 -18.53 9.98 -5.87
C HIS A 223 -17.54 11.15 -5.83
N PHE A 224 -17.38 11.79 -4.67
CA PHE A 224 -16.47 12.92 -4.60
C PHE A 224 -16.24 13.35 -3.17
N GLY A 225 -15.25 14.22 -2.98
CA GLY A 225 -14.95 14.72 -1.66
C GLY A 225 -13.80 14.01 -0.99
N GLU A 226 -13.67 14.25 0.31
CA GLU A 226 -12.62 13.64 1.12
C GLU A 226 -12.82 12.13 1.25
N PRO A 227 -11.74 11.40 1.59
CA PRO A 227 -11.75 9.94 1.73
C PRO A 227 -12.59 9.35 2.86
N LYS A 228 -12.82 8.05 2.76
CA LYS A 228 -13.58 7.30 3.76
C LYS A 228 -12.65 6.14 4.12
N SER A 229 -12.34 5.99 5.39
CA SER A 229 -11.48 4.90 5.80
C SER A 229 -12.30 3.72 6.33
N TRP A 230 -11.87 2.52 5.97
CA TRP A 230 -12.56 1.29 6.37
C TRP A 230 -11.74 0.30 7.22
N TYR A 231 -12.42 -0.44 8.09
CA TYR A 231 -11.82 -1.48 8.91
C TYR A 231 -12.62 -2.72 8.57
N SER A 232 -11.99 -3.88 8.56
CA SER A 232 -12.71 -5.09 8.27
CA SER A 232 -12.66 -5.11 8.22
C SER A 232 -12.08 -6.29 8.98
N VAL A 233 -12.91 -7.28 9.28
CA VAL A 233 -12.52 -8.49 9.94
C VAL A 233 -12.86 -9.64 9.01
N PRO A 234 -11.88 -10.49 8.72
CA PRO A 234 -12.10 -11.63 7.83
C PRO A 234 -13.34 -12.42 8.22
N PRO A 235 -14.14 -12.82 7.23
CA PRO A 235 -15.35 -13.59 7.53
C PRO A 235 -15.06 -14.81 8.41
N GLU A 236 -13.89 -15.42 8.22
CA GLU A 236 -13.52 -16.59 8.99
C GLU A 236 -13.28 -16.30 10.47
N HIS A 237 -13.08 -15.02 10.81
CA HIS A 237 -12.85 -14.63 12.19
C HIS A 237 -14.01 -13.80 12.71
N GLY A 238 -15.09 -13.75 11.93
CA GLY A 238 -16.27 -12.99 12.31
C GLY A 238 -16.87 -13.35 13.66
N LYS A 239 -17.01 -14.64 13.93
CA LYS A 239 -17.57 -15.10 15.21
C LYS A 239 -16.74 -14.62 16.38
N ARG A 240 -15.44 -14.46 16.16
CA ARG A 240 -14.57 -14.00 17.23
C ARG A 240 -14.90 -12.55 17.59
N LEU A 241 -15.25 -11.75 16.60
CA LEU A 241 -15.60 -10.35 16.85
C LEU A 241 -16.91 -10.32 17.62
N GLU A 242 -17.82 -11.21 17.23
CA GLU A 242 -19.13 -11.29 17.89
C GLU A 242 -19.01 -11.69 19.35
N ARG A 243 -18.10 -12.60 19.67
CA ARG A 243 -17.93 -13.01 21.07
C ARG A 243 -17.34 -11.85 21.85
N LEU A 244 -16.45 -11.12 21.18
CA LEU A 244 -15.83 -9.98 21.82
C LEU A 244 -16.91 -8.96 22.17
N ALA A 245 -17.70 -8.59 21.16
CA ALA A 245 -18.78 -7.62 21.37
C ALA A 245 -19.76 -8.10 22.44
N LYS A 246 -20.14 -9.37 22.39
CA LYS A 246 -21.08 -9.91 23.38
C LYS A 246 -20.48 -9.79 24.77
N GLY A 247 -19.16 -9.97 24.86
CA GLY A 247 -18.50 -9.87 26.14
C GLY A 247 -18.56 -8.48 26.72
N PHE A 248 -18.38 -7.48 25.86
CA PHE A 248 -18.40 -6.09 26.30
C PHE A 248 -19.78 -5.48 26.52
N PHE A 249 -20.81 -6.01 25.88
CA PHE A 249 -22.17 -5.48 26.00
C PHE A 249 -23.14 -6.61 26.31
N PRO A 250 -23.03 -7.21 27.50
CA PRO A 250 -23.92 -8.31 27.88
C PRO A 250 -25.40 -8.01 27.86
N GLY A 251 -25.78 -6.81 28.30
CA GLY A 251 -27.20 -6.47 28.31
C GLY A 251 -27.78 -6.46 26.90
N SER A 252 -27.03 -5.84 26.00
CA SER A 252 -27.42 -5.74 24.59
C SER A 252 -27.56 -7.11 24.00
N ALA A 253 -26.55 -7.95 24.27
CA ALA A 253 -26.53 -9.31 23.77
C ALA A 253 -27.73 -10.07 24.28
N GLN A 254 -27.96 -9.99 25.60
CA GLN A 254 -29.09 -10.66 26.23
C GLN A 254 -30.47 -10.36 25.60
N SER A 255 -30.67 -9.15 25.09
CA SER A 255 -31.98 -8.85 24.50
C SER A 255 -32.14 -8.95 22.99
N CYS A 256 -31.05 -9.18 22.26
CA CYS A 256 -31.14 -9.36 20.83
C CYS A 256 -30.02 -10.28 20.42
N GLU A 257 -30.34 -11.36 19.70
CA GLU A 257 -29.32 -12.31 19.27
C GLU A 257 -28.40 -11.77 18.18
N ALA A 258 -28.76 -10.61 17.64
CA ALA A 258 -27.93 -9.96 16.62
C ALA A 258 -27.86 -8.44 16.84
N PHE A 259 -27.51 -8.03 18.05
CA PHE A 259 -27.43 -6.61 18.36
C PHE A 259 -26.45 -5.78 17.49
N LEU A 260 -25.43 -6.40 16.91
CA LEU A 260 -24.53 -5.61 16.07
C LEU A 260 -25.26 -5.12 14.82
N ARG A 261 -26.41 -5.74 14.53
CA ARG A 261 -27.19 -5.33 13.36
C ARG A 261 -27.89 -4.00 13.61
N HIS A 262 -27.82 -3.52 14.85
CA HIS A 262 -28.42 -2.22 15.17
C HIS A 262 -27.48 -1.13 14.68
N LYS A 263 -26.31 -1.53 14.20
CA LYS A 263 -25.30 -0.59 13.71
C LYS A 263 -25.09 0.55 14.68
N MET A 264 -24.86 0.22 15.95
CA MET A 264 -24.63 1.22 17.00
C MET A 264 -23.34 1.01 17.80
N THR A 265 -22.63 -0.07 17.50
CA THR A 265 -21.43 -0.41 18.26
C THR A 265 -20.10 -0.08 17.60
N LEU A 266 -19.30 0.74 18.27
CA LEU A 266 -17.99 1.15 17.79
C LEU A 266 -16.93 0.55 18.67
N ILE A 267 -15.90 -0.02 18.05
CA ILE A 267 -14.80 -0.64 18.77
C ILE A 267 -13.53 -0.25 18.01
N SER A 268 -12.58 0.35 18.73
CA SER A 268 -11.35 0.81 18.11
C SER A 268 -10.37 -0.30 17.73
N PRO A 269 -9.47 -0.01 16.78
CA PRO A 269 -8.47 -0.97 16.32
C PRO A 269 -7.54 -1.40 17.47
N LEU A 270 -7.35 -0.51 18.42
CA LEU A 270 -6.51 -0.84 19.55
C LEU A 270 -7.17 -1.87 20.45
N MET A 271 -8.50 -1.88 20.52
CA MET A 271 -9.17 -2.87 21.34
C MET A 271 -9.15 -4.19 20.59
N LEU A 272 -9.33 -4.13 19.27
CA LEU A 272 -9.31 -5.33 18.46
C LEU A 272 -7.96 -6.03 18.58
N LYS A 273 -6.90 -5.24 18.51
CA LYS A 273 -5.54 -5.74 18.60
C LYS A 273 -5.26 -6.36 19.97
N LYS A 274 -5.75 -5.69 21.01
CA LYS A 274 -5.57 -6.14 22.38
C LYS A 274 -6.22 -7.48 22.68
N TYR A 275 -7.35 -7.76 22.04
CA TYR A 275 -8.08 -9.00 22.28
C TYR A 275 -7.82 -10.08 21.23
N GLY A 276 -6.85 -9.85 20.35
CA GLY A 276 -6.53 -10.83 19.34
C GLY A 276 -7.44 -10.97 18.13
N ILE A 277 -8.24 -9.95 17.80
CA ILE A 277 -9.08 -10.07 16.61
C ILE A 277 -8.33 -9.56 15.39
N PRO A 278 -8.16 -10.40 14.37
CA PRO A 278 -7.46 -9.95 13.16
C PRO A 278 -8.33 -8.91 12.43
N PHE A 279 -7.69 -7.93 11.81
CA PHE A 279 -8.40 -6.89 11.08
C PHE A 279 -7.41 -6.19 10.17
N ASP A 280 -7.93 -5.47 9.19
CA ASP A 280 -7.11 -4.71 8.27
C ASP A 280 -7.85 -3.40 8.06
N LYS A 281 -7.12 -2.40 7.59
CA LYS A 281 -7.71 -1.09 7.33
C LYS A 281 -7.33 -0.66 5.93
N VAL A 282 -8.13 0.24 5.36
CA VAL A 282 -7.86 0.72 4.00
C VAL A 282 -8.62 2.01 3.84
N THR A 283 -8.07 2.90 3.03
CA THR A 283 -8.69 4.19 2.78
C THR A 283 -9.12 4.25 1.32
N GLN A 284 -10.40 4.54 1.12
CA GLN A 284 -10.99 4.64 -0.20
C GLN A 284 -11.01 6.09 -0.61
N GLU A 285 -10.60 6.39 -1.84
CA GLU A 285 -10.58 7.77 -2.32
C GLU A 285 -11.70 7.97 -3.35
N ALA A 286 -11.98 9.24 -3.64
CA ALA A 286 -12.99 9.60 -4.62
C ALA A 286 -12.72 8.80 -5.90
N GLY A 287 -13.78 8.24 -6.49
CA GLY A 287 -13.62 7.47 -7.71
C GLY A 287 -13.28 6.01 -7.52
N GLU A 288 -13.19 5.55 -6.28
CA GLU A 288 -12.87 4.14 -6.04
C GLU A 288 -14.05 3.36 -5.45
N PHE A 289 -14.11 2.07 -5.76
CA PHE A 289 -15.16 1.18 -5.26
C PHE A 289 -14.65 0.30 -4.14
N MET A 290 -15.54 -0.03 -3.21
CA MET A 290 -15.20 -0.91 -2.13
C MET A 290 -16.28 -1.98 -2.23
N ILE A 291 -15.89 -3.23 -2.11
CA ILE A 291 -16.81 -4.36 -2.16
C ILE A 291 -16.69 -5.04 -0.79
N THR A 292 -17.81 -5.34 -0.14
CA THR A 292 -17.76 -6.02 1.12
C THR A 292 -18.34 -7.40 0.83
N PHE A 293 -17.77 -8.44 1.42
CA PHE A 293 -18.25 -9.78 1.18
C PHE A 293 -19.13 -10.34 2.29
N PRO A 294 -19.86 -11.43 1.98
CA PRO A 294 -20.75 -12.06 2.96
C PRO A 294 -20.07 -12.34 4.29
N TYR A 295 -20.73 -11.93 5.36
CA TYR A 295 -20.25 -12.11 6.73
C TYR A 295 -18.94 -11.40 7.01
N GLY A 296 -18.70 -10.33 6.28
CA GLY A 296 -17.50 -9.56 6.48
C GLY A 296 -17.86 -8.38 7.34
N TYR A 297 -17.34 -8.35 8.56
CA TYR A 297 -17.62 -7.24 9.45
C TYR A 297 -16.75 -6.06 9.04
N HIS A 298 -17.34 -4.87 9.05
CA HIS A 298 -16.60 -3.66 8.70
C HIS A 298 -17.18 -2.45 9.38
N ALA A 299 -16.35 -1.41 9.48
CA ALA A 299 -16.73 -0.16 10.10
C ALA A 299 -15.78 0.90 9.53
N GLY A 300 -15.96 2.15 9.94
CA GLY A 300 -15.08 3.18 9.40
C GLY A 300 -15.60 4.57 9.66
N PHE A 301 -14.96 5.55 9.05
CA PHE A 301 -15.34 6.95 9.21
C PHE A 301 -14.97 7.77 7.99
N ASN A 302 -15.61 8.92 7.82
CA ASN A 302 -15.32 9.81 6.69
C ASN A 302 -14.31 10.86 7.08
N HIS A 303 -13.44 11.23 6.15
CA HIS A 303 -12.41 12.23 6.43
C HIS A 303 -12.97 13.64 6.39
N GLY A 304 -13.92 13.89 5.49
CA GLY A 304 -14.51 15.21 5.39
C GLY A 304 -15.76 15.15 4.56
N PHE A 305 -16.12 16.26 3.94
CA PHE A 305 -17.31 16.31 3.11
C PHE A 305 -17.12 15.37 1.92
N ASN A 306 -18.11 14.52 1.66
CA ASN A 306 -18.04 13.59 0.53
C ASN A 306 -19.40 13.02 0.27
N CYS A 307 -19.50 12.30 -0.84
CA CYS A 307 -20.73 11.65 -1.23
C CYS A 307 -20.44 10.25 -1.72
N ALA A 308 -21.18 9.28 -1.19
CA ALA A 308 -20.99 7.90 -1.57
C ALA A 308 -22.32 7.26 -1.91
N GLU A 309 -22.29 6.28 -2.80
CA GLU A 309 -23.48 5.56 -3.21
C GLU A 309 -23.23 4.07 -3.04
N SER A 310 -24.26 3.33 -2.63
CA SER A 310 -24.13 1.89 -2.41
C SER A 310 -25.46 1.12 -2.42
N THR A 311 -25.34 -0.20 -2.50
CA THR A 311 -26.49 -1.09 -2.53
C THR A 311 -25.92 -2.46 -2.20
N ASN A 312 -26.80 -3.44 -2.15
CA ASN A 312 -26.37 -4.79 -1.85
C ASN A 312 -26.55 -5.63 -3.11
N PHE A 313 -25.81 -6.73 -3.17
CA PHE A 313 -25.93 -7.62 -4.30
C PHE A 313 -25.57 -9.02 -3.84
N ALA A 314 -25.70 -9.99 -4.73
CA ALA A 314 -25.41 -11.36 -4.36
C ALA A 314 -24.73 -12.14 -5.50
N THR A 315 -24.34 -13.36 -5.17
CA THR A 315 -23.70 -14.29 -6.08
C THR A 315 -24.24 -15.62 -5.56
N ARG A 316 -23.90 -16.71 -6.22
CA ARG A 316 -24.39 -18.00 -5.77
C ARG A 316 -23.84 -18.45 -4.43
N ARG A 317 -22.60 -18.05 -4.13
CA ARG A 317 -21.98 -18.43 -2.86
C ARG A 317 -22.76 -17.83 -1.70
N TRP A 318 -23.40 -16.69 -1.96
CA TRP A 318 -24.19 -15.99 -0.93
C TRP A 318 -25.40 -16.74 -0.38
N ILE A 319 -26.05 -17.54 -1.21
CA ILE A 319 -27.24 -18.24 -0.76
C ILE A 319 -27.09 -18.96 0.60
N GLU A 320 -26.02 -19.74 0.76
CA GLU A 320 -25.84 -20.45 2.03
C GLU A 320 -25.77 -19.42 3.17
N TYR A 321 -25.07 -18.32 2.93
CA TYR A 321 -24.98 -17.29 3.93
C TYR A 321 -26.37 -16.76 4.23
N GLY A 322 -27.16 -16.52 3.19
CA GLY A 322 -28.50 -16.02 3.40
C GLY A 322 -29.28 -16.93 4.33
N LYS A 323 -29.23 -18.23 4.06
CA LYS A 323 -29.92 -19.25 4.84
C LYS A 323 -29.48 -19.34 6.29
N GLN A 324 -28.21 -18.99 6.55
CA GLN A 324 -27.71 -19.10 7.91
C GLN A 324 -27.50 -17.80 8.69
N ALA A 325 -27.86 -16.68 8.08
CA ALA A 325 -27.71 -15.38 8.73
C ALA A 325 -28.53 -15.27 10.01
N VAL A 326 -27.89 -14.84 11.11
CA VAL A 326 -28.62 -14.67 12.37
C VAL A 326 -29.25 -13.27 12.29
N LEU A 327 -30.58 -13.18 12.46
CA LEU A 327 -31.26 -11.90 12.34
C LEU A 327 -31.66 -11.20 13.61
N CYS A 328 -31.88 -9.89 13.50
CA CYS A 328 -32.29 -9.07 14.62
C CYS A 328 -33.64 -9.58 15.14
N SER A 329 -33.67 -9.96 16.41
CA SER A 329 -34.86 -10.49 17.02
C SER A 329 -35.64 -9.48 17.86
N CYS A 330 -35.23 -8.22 17.87
CA CYS A 330 -35.93 -7.25 18.71
C CYS A 330 -36.63 -6.04 18.08
N ARG A 331 -36.46 -5.81 16.77
CA ARG A 331 -37.12 -4.65 16.16
C ARG A 331 -38.15 -5.00 15.09
N LYS A 332 -38.75 -3.95 14.52
CA LYS A 332 -39.74 -4.10 13.47
C LYS A 332 -39.19 -3.41 12.23
N ASP A 333 -39.51 -3.95 11.06
CA ASP A 333 -39.06 -3.39 9.80
C ASP A 333 -37.59 -3.67 9.59
N MET A 334 -37.09 -4.70 10.27
CA MET A 334 -35.70 -5.10 10.12
C MET A 334 -35.73 -5.96 8.87
N VAL A 335 -34.73 -5.81 8.01
CA VAL A 335 -34.69 -6.56 6.76
C VAL A 335 -34.59 -8.07 6.86
N LYS A 336 -35.66 -8.74 6.43
CA LYS A 336 -35.74 -10.20 6.41
C LYS A 336 -36.15 -10.61 5.01
N ILE A 337 -35.24 -11.30 4.32
CA ILE A 337 -35.49 -11.77 2.96
C ILE A 337 -35.82 -13.25 3.03
N SER A 338 -36.84 -13.66 2.29
CA SER A 338 -37.24 -15.06 2.26
C SER A 338 -36.29 -15.79 1.32
N MET A 339 -35.54 -16.76 1.85
CA MET A 339 -34.57 -17.52 1.06
C MET A 339 -35.20 -18.58 0.16
N ASP A 340 -36.48 -18.83 0.37
CA ASP A 340 -37.23 -19.82 -0.40
C ASP A 340 -37.00 -19.85 -1.92
N VAL A 341 -37.20 -18.73 -2.61
CA VAL A 341 -37.01 -18.74 -4.05
C VAL A 341 -35.59 -19.09 -4.46
N PHE A 342 -34.61 -18.74 -3.62
CA PHE A 342 -33.20 -19.05 -3.93
C PHE A 342 -32.87 -20.52 -3.76
N VAL A 343 -33.33 -21.13 -2.68
CA VAL A 343 -33.06 -22.53 -2.44
C VAL A 343 -33.74 -23.34 -3.52
N ARG A 344 -34.98 -22.98 -3.79
CA ARG A 344 -35.79 -23.65 -4.81
CA ARG A 344 -35.79 -23.65 -4.81
C ARG A 344 -35.09 -23.70 -6.16
N LYS A 345 -34.66 -22.53 -6.63
CA LYS A 345 -33.99 -22.38 -7.92
C LYS A 345 -32.51 -22.77 -8.00
N PHE A 346 -31.72 -22.49 -6.97
CA PHE A 346 -30.30 -22.83 -7.05
C PHE A 346 -29.87 -24.08 -6.27
N GLN A 347 -30.70 -24.55 -5.36
CA GLN A 347 -30.38 -25.75 -4.60
C GLN A 347 -31.59 -26.68 -4.59
N PRO A 348 -32.19 -26.94 -5.76
CA PRO A 348 -33.37 -27.82 -5.80
C PRO A 348 -33.19 -29.15 -5.08
N GLU A 349 -31.96 -29.69 -5.06
CA GLU A 349 -31.72 -30.97 -4.39
C GLU A 349 -31.71 -30.87 -2.87
N ARG A 350 -31.67 -29.66 -2.33
CA ARG A 350 -31.67 -29.50 -0.88
C ARG A 350 -32.97 -28.91 -0.32
N TYR A 351 -33.80 -28.40 -1.21
CA TYR A 351 -35.06 -27.78 -0.81
C TYR A 351 -35.85 -28.54 0.24
N LYS A 352 -36.13 -29.81 -0.03
CA LYS A 352 -36.91 -30.60 0.92
C LYS A 352 -36.24 -30.71 2.29
N LEU A 353 -34.93 -30.96 2.30
CA LEU A 353 -34.20 -31.08 3.55
C LEU A 353 -34.21 -29.76 4.31
N TRP A 354 -33.94 -28.67 3.58
CA TRP A 354 -33.92 -27.34 4.17
C TRP A 354 -35.29 -27.01 4.77
N LYS A 355 -36.35 -27.18 3.98
CA LYS A 355 -37.71 -26.91 4.45
C LYS A 355 -38.01 -27.68 5.74
N ALA A 356 -37.44 -28.87 5.87
CA ALA A 356 -37.66 -29.70 7.06
C ALA A 356 -36.76 -29.31 8.21
N GLY A 357 -35.91 -28.32 7.99
CA GLY A 357 -35.01 -27.87 9.04
C GLY A 357 -33.84 -28.79 9.29
N LYS A 358 -33.54 -29.65 8.33
CA LYS A 358 -32.44 -30.58 8.47
C LYS A 358 -31.23 -30.33 7.56
N ASP A 359 -31.15 -29.17 6.93
CA ASP A 359 -30.00 -28.86 6.06
C ASP A 359 -28.87 -28.40 6.97
N ASN A 360 -27.85 -29.23 7.18
CA ASN A 360 -26.76 -28.86 8.07
C ASN A 360 -25.40 -28.55 7.45
N THR A 361 -25.45 -27.92 6.28
CA THR A 361 -24.27 -27.51 5.56
C THR A 361 -23.47 -26.54 6.45
N VAL A 362 -22.15 -26.73 6.46
CA VAL A 362 -21.27 -25.86 7.24
C VAL A 362 -20.55 -24.98 6.22
N ILE A 363 -20.63 -23.67 6.40
CA ILE A 363 -19.99 -22.75 5.46
C ILE A 363 -18.48 -22.70 5.63
N ASP A 364 -17.77 -22.76 4.51
CA ASP A 364 -16.32 -22.69 4.47
C ASP A 364 -16.00 -21.32 3.86
N HIS A 365 -15.69 -20.35 4.71
CA HIS A 365 -15.40 -18.98 4.28
C HIS A 365 -14.26 -18.77 3.28
N THR A 366 -13.42 -19.77 3.05
CA THR A 366 -12.30 -19.59 2.13
C THR A 366 -12.62 -19.94 0.67
N LEU A 367 -13.71 -20.69 0.47
CA LEU A 367 -14.12 -21.11 -0.87
C LEU A 367 -14.68 -19.99 -1.74
N PRO A 368 -14.17 -19.84 -2.98
CA PRO A 368 -14.70 -18.78 -3.83
C PRO A 368 -16.10 -19.18 -4.35
N THR A 369 -16.81 -18.25 -4.98
CA THR A 369 -18.15 -18.58 -5.47
C THR A 369 -18.04 -19.45 -6.72
N PRO A 370 -19.00 -20.36 -6.93
CA PRO A 370 -18.96 -21.25 -8.11
C PRO A 370 -18.65 -20.57 -9.45
N GLU A 371 -19.26 -19.42 -9.70
CA GLU A 371 -19.01 -18.68 -10.94
C GLU A 371 -17.52 -18.45 -11.23
N ALA A 372 -16.66 -18.77 -10.26
CA ALA A 372 -15.21 -18.58 -10.40
C ALA A 372 -14.46 -19.72 -11.07
N ALA A 373 -15.18 -20.80 -11.36
CA ALA A 373 -14.59 -21.99 -11.96
C ALA A 373 -13.63 -21.70 -13.12
N GLU A 374 -14.08 -20.90 -14.08
CA GLU A 374 -13.29 -20.57 -15.25
C GLU A 374 -11.98 -19.80 -15.04
N PHE A 375 -11.71 -19.35 -13.83
CA PHE A 375 -10.46 -18.62 -13.59
C PHE A 375 -9.56 -19.52 -12.77
N LEU A 376 -10.05 -20.73 -12.53
CA LEU A 376 -9.32 -21.71 -11.74
C LEU A 376 -9.08 -22.97 -12.55
N LYS A 377 -9.14 -22.85 -13.88
CA LYS A 377 -8.92 -23.98 -14.78
C LYS A 377 -7.47 -24.43 -14.76
N THR B 29 5.13 19.36 2.04
CA THR B 29 4.72 20.52 1.20
C THR B 29 4.90 20.30 -0.31
N LEU B 30 6.13 20.16 -0.79
CA LEU B 30 6.35 19.95 -2.23
C LEU B 30 6.32 18.47 -2.65
N ASN B 31 6.22 18.23 -3.97
CA ASN B 31 6.12 16.87 -4.55
C ASN B 31 5.09 16.04 -3.79
N PRO B 32 3.83 16.45 -3.84
CA PRO B 32 2.71 15.78 -3.18
C PRO B 32 2.52 14.31 -3.58
N SER B 33 2.69 14.01 -4.85
CA SER B 33 2.52 12.63 -5.31
C SER B 33 3.72 11.76 -4.94
N ALA B 34 4.79 12.38 -4.46
CA ALA B 34 5.98 11.66 -4.07
C ALA B 34 6.50 10.80 -5.22
N ARG B 35 6.48 11.34 -6.42
CA ARG B 35 6.97 10.58 -7.57
C ARG B 35 8.43 10.91 -7.87
N ILE B 36 9.15 9.96 -8.46
CA ILE B 36 10.57 10.13 -8.77
C ILE B 36 10.79 11.33 -9.68
N MET B 37 11.68 12.23 -9.25
CA MET B 37 12.00 13.43 -10.01
C MET B 37 13.33 13.31 -10.72
N THR B 38 13.46 14.07 -11.81
CA THR B 38 14.70 14.06 -12.59
C THR B 38 15.27 15.47 -12.63
N PHE B 39 16.59 15.58 -12.46
CA PHE B 39 17.27 16.89 -12.47
C PHE B 39 18.38 17.01 -13.49
N TYR B 40 18.60 18.23 -13.96
CA TYR B 40 19.63 18.55 -14.96
C TYR B 40 20.46 19.76 -14.52
N PRO B 41 21.33 19.58 -13.51
CA PRO B 41 22.14 20.71 -13.04
C PRO B 41 23.07 21.30 -14.10
N THR B 42 23.25 22.62 -14.08
CA THR B 42 24.17 23.28 -15.00
C THR B 42 25.52 22.91 -14.41
N MET B 43 26.61 23.26 -15.09
CA MET B 43 27.92 22.91 -14.56
C MET B 43 28.22 23.65 -13.26
N GLU B 44 27.66 24.84 -13.11
CA GLU B 44 27.86 25.65 -11.91
C GLU B 44 27.21 24.94 -10.72
N GLU B 45 26.00 24.42 -10.94
CA GLU B 45 25.26 23.73 -9.90
C GLU B 45 25.90 22.39 -9.54
N PHE B 46 26.31 21.65 -10.56
CA PHE B 46 26.91 20.34 -10.38
C PHE B 46 28.14 20.26 -9.47
N ARG B 47 28.97 21.30 -9.47
CA ARG B 47 30.20 21.36 -8.67
C ARG B 47 30.14 21.13 -7.16
N ASN B 48 29.10 21.63 -6.48
CA ASN B 48 29.01 21.43 -5.04
C ASN B 48 27.98 20.32 -4.79
N PHE B 49 28.48 19.10 -4.54
CA PHE B 49 27.63 17.94 -4.28
C PHE B 49 26.58 18.13 -3.18
N SER B 50 27.04 18.29 -1.94
CA SER B 50 26.16 18.47 -0.79
C SER B 50 25.17 19.60 -1.01
N ARG B 51 25.63 20.67 -1.65
CA ARG B 51 24.75 21.80 -1.92
C ARG B 51 23.61 21.36 -2.83
N TYR B 52 23.95 20.63 -3.89
CA TYR B 52 22.90 20.20 -4.83
C TYR B 52 21.96 19.17 -4.20
N ILE B 53 22.45 18.38 -3.25
CA ILE B 53 21.58 17.41 -2.61
C ILE B 53 20.56 18.18 -1.78
N ALA B 54 21.03 19.22 -1.12
CA ALA B 54 20.13 20.04 -0.31
C ALA B 54 19.14 20.72 -1.25
N TYR B 55 19.59 21.07 -2.45
CA TYR B 55 18.69 21.71 -3.40
C TYR B 55 17.57 20.77 -3.81
N ILE B 56 17.91 19.58 -4.31
CA ILE B 56 16.84 18.69 -4.72
C ILE B 56 15.90 18.35 -3.57
N GLU B 57 16.38 18.36 -2.33
CA GLU B 57 15.47 18.07 -1.23
C GLU B 57 14.54 19.27 -1.01
N SER B 58 14.99 20.46 -1.37
CA SER B 58 14.14 21.64 -1.21
C SER B 58 12.99 21.55 -2.20
N GLN B 59 13.17 20.77 -3.26
CA GLN B 59 12.16 20.57 -4.30
C GLN B 59 11.34 19.29 -4.05
N GLY B 60 11.51 18.68 -2.87
CA GLY B 60 10.76 17.47 -2.54
C GLY B 60 11.23 16.17 -3.17
N ALA B 61 12.41 16.16 -3.77
CA ALA B 61 12.95 14.97 -4.41
C ALA B 61 13.01 13.74 -3.48
N HIS B 62 13.39 13.96 -2.22
CA HIS B 62 13.51 12.89 -1.25
C HIS B 62 12.23 12.12 -0.97
N ARG B 63 11.07 12.78 -1.12
CA ARG B 63 9.80 12.10 -0.83
C ARG B 63 9.57 10.82 -1.63
N ALA B 64 10.20 10.72 -2.78
CA ALA B 64 10.03 9.53 -3.60
C ALA B 64 10.98 8.41 -3.16
N GLY B 65 12.02 8.78 -2.40
CA GLY B 65 12.99 7.82 -1.95
C GLY B 65 14.09 7.67 -2.97
N LEU B 66 13.81 8.09 -4.20
CA LEU B 66 14.77 7.97 -5.30
C LEU B 66 14.66 9.19 -6.24
N ALA B 67 15.79 9.59 -6.81
CA ALA B 67 15.83 10.72 -7.74
C ALA B 67 16.98 10.55 -8.70
N LYS B 68 16.78 10.98 -9.95
CA LYS B 68 17.81 10.85 -10.97
C LYS B 68 18.47 12.21 -11.24
N VAL B 69 19.77 12.17 -11.49
CA VAL B 69 20.52 13.37 -11.76
C VAL B 69 21.36 13.20 -13.02
N VAL B 70 20.93 13.87 -14.08
CA VAL B 70 21.65 13.82 -15.35
C VAL B 70 22.69 14.91 -15.28
N PRO B 71 23.97 14.56 -15.43
CA PRO B 71 25.02 15.59 -15.36
C PRO B 71 25.10 16.40 -16.64
N PRO B 72 25.38 17.72 -16.51
CA PRO B 72 25.49 18.57 -17.69
C PRO B 72 26.37 17.86 -18.74
N LYS B 73 25.89 17.82 -19.98
CA LYS B 73 26.54 17.16 -21.12
C LYS B 73 28.08 17.19 -21.20
N GLU B 74 28.72 18.24 -20.68
CA GLU B 74 30.19 18.36 -20.74
C GLU B 74 30.96 17.30 -19.94
N TRP B 75 30.63 17.24 -18.65
CA TRP B 75 31.23 16.34 -17.68
C TRP B 75 31.42 14.87 -18.05
N LYS B 76 32.51 14.30 -17.55
CA LYS B 76 32.86 12.91 -17.76
C LYS B 76 33.91 12.53 -16.71
N PRO B 77 33.69 11.42 -16.01
CA PRO B 77 34.59 10.91 -14.97
C PRO B 77 35.77 10.10 -15.52
N ARG B 78 35.74 9.81 -16.81
CA ARG B 78 36.79 9.00 -17.40
C ARG B 78 36.97 9.28 -18.90
N ALA B 79 38.22 9.24 -19.37
CA ALA B 79 38.47 9.48 -20.79
C ALA B 79 37.87 8.29 -21.54
N SER B 80 38.35 7.09 -21.22
CA SER B 80 37.84 5.86 -21.84
C SER B 80 37.85 4.69 -20.85
N TYR B 81 36.90 3.77 -21.05
CA TYR B 81 36.75 2.55 -20.25
C TYR B 81 37.32 1.39 -21.03
N ASP B 82 38.47 1.59 -21.65
CA ASP B 82 39.05 0.57 -22.50
C ASP B 82 40.21 -0.28 -22.00
N ASP B 83 40.72 0.02 -20.82
CA ASP B 83 41.85 -0.71 -20.22
C ASP B 83 41.42 -1.66 -19.09
N ILE B 84 40.12 -1.71 -18.81
CA ILE B 84 39.62 -2.51 -17.70
C ILE B 84 39.31 -4.01 -17.87
N ASP B 85 39.42 -4.51 -19.09
CA ASP B 85 39.14 -5.92 -19.32
C ASP B 85 40.05 -6.82 -18.47
N ASP B 86 41.03 -6.19 -17.83
CA ASP B 86 41.96 -6.92 -16.98
C ASP B 86 41.56 -6.90 -15.50
N LEU B 87 40.67 -5.97 -15.14
CA LEU B 87 40.21 -5.83 -13.78
C LEU B 87 39.63 -7.17 -13.30
N VAL B 88 40.08 -7.63 -12.14
CA VAL B 88 39.60 -8.86 -11.57
C VAL B 88 38.25 -8.63 -10.89
N ILE B 89 37.43 -9.65 -10.82
CA ILE B 89 36.13 -9.59 -10.14
C ILE B 89 36.33 -10.82 -9.27
N PRO B 90 36.97 -10.62 -8.12
CA PRO B 90 37.31 -11.63 -7.12
C PRO B 90 36.17 -12.47 -6.53
N ALA B 91 34.91 -12.06 -6.73
CA ALA B 91 33.80 -12.83 -6.19
C ALA B 91 32.51 -12.61 -6.96
N PRO B 92 32.40 -13.17 -8.17
CA PRO B 92 31.20 -13.01 -8.99
C PRO B 92 30.10 -13.84 -8.34
N ILE B 93 28.86 -13.44 -8.50
CA ILE B 93 27.77 -14.15 -7.88
C ILE B 93 26.75 -14.69 -8.87
N GLN B 94 26.36 -15.94 -8.70
CA GLN B 94 25.35 -16.51 -9.58
C GLN B 94 24.06 -16.33 -8.80
N GLN B 95 23.07 -15.68 -9.40
CA GLN B 95 21.82 -15.41 -8.70
C GLN B 95 20.70 -16.41 -8.94
N LEU B 96 20.54 -17.33 -8.01
CA LEU B 96 19.48 -18.32 -8.10
C LEU B 96 18.22 -17.74 -7.47
N VAL B 97 17.13 -17.67 -8.22
CA VAL B 97 15.90 -17.12 -7.68
C VAL B 97 14.80 -18.15 -7.58
N THR B 98 14.13 -18.20 -6.43
CA THR B 98 13.04 -19.14 -6.18
C THR B 98 11.76 -18.41 -5.77
N GLY B 99 10.63 -18.83 -6.32
CA GLY B 99 9.36 -18.22 -5.97
C GLY B 99 8.30 -18.35 -7.04
N GLN B 100 7.17 -17.72 -6.81
CA GLN B 100 6.02 -17.74 -7.73
C GLN B 100 5.10 -16.61 -7.32
N SER B 101 4.15 -16.27 -8.20
CA SER B 101 3.17 -15.22 -7.91
C SER B 101 3.73 -13.89 -7.42
N GLY B 102 4.81 -13.40 -8.02
CA GLY B 102 5.35 -12.12 -7.59
C GLY B 102 6.19 -12.09 -6.32
N LEU B 103 6.33 -13.23 -5.64
CA LEU B 103 7.15 -13.26 -4.42
C LEU B 103 8.36 -14.19 -4.65
N PHE B 104 9.57 -13.67 -4.44
CA PHE B 104 10.76 -14.48 -4.65
C PHE B 104 11.86 -14.27 -3.62
N THR B 105 12.73 -15.26 -3.50
CA THR B 105 13.88 -15.19 -2.59
C THR B 105 15.11 -15.53 -3.42
N GLN B 106 16.06 -14.59 -3.46
CA GLN B 106 17.28 -14.75 -4.24
C GLN B 106 18.44 -15.32 -3.43
N TYR B 107 19.04 -16.40 -3.94
CA TYR B 107 20.18 -17.01 -3.26
C TYR B 107 21.41 -16.76 -4.10
N ASN B 108 22.48 -16.34 -3.43
CA ASN B 108 23.75 -16.05 -4.08
C ASN B 108 24.70 -17.21 -4.02
N ILE B 109 25.28 -17.57 -5.15
CA ILE B 109 26.25 -18.64 -5.20
C ILE B 109 27.54 -18.06 -5.71
N GLN B 110 28.57 -18.06 -4.86
CA GLN B 110 29.84 -17.49 -5.24
C GLN B 110 30.59 -18.35 -6.25
N LYS B 111 30.93 -17.73 -7.37
CA LYS B 111 31.67 -18.43 -8.42
C LYS B 111 33.12 -18.05 -8.20
N LYS B 112 34.04 -18.68 -8.91
CA LYS B 112 35.44 -18.36 -8.72
C LYS B 112 35.86 -17.07 -9.46
N ALA B 113 36.88 -16.41 -8.92
CA ALA B 113 37.44 -15.17 -9.45
C ALA B 113 37.59 -15.19 -10.97
N MET B 114 37.09 -14.14 -11.62
CA MET B 114 37.21 -14.05 -13.07
C MET B 114 37.47 -12.62 -13.50
N THR B 115 38.14 -12.47 -14.64
CA THR B 115 38.46 -11.16 -15.18
C THR B 115 37.18 -10.62 -15.81
N VAL B 116 37.19 -9.34 -16.14
CA VAL B 116 36.03 -8.67 -16.76
C VAL B 116 35.71 -9.17 -18.16
N ARG B 117 36.70 -9.19 -19.05
CA ARG B 117 36.50 -9.67 -20.40
C ARG B 117 35.75 -11.00 -20.37
N GLU B 118 36.12 -11.88 -19.45
CA GLU B 118 35.46 -13.17 -19.35
C GLU B 118 33.99 -12.99 -18.97
N PHE B 119 33.72 -11.90 -18.26
CA PHE B 119 32.36 -11.58 -17.85
C PHE B 119 31.58 -11.06 -19.05
N ARG B 120 32.17 -10.15 -19.82
CA ARG B 120 31.47 -9.60 -20.97
C ARG B 120 31.09 -10.70 -21.97
N LYS B 121 31.98 -11.67 -22.13
CA LYS B 121 31.74 -12.78 -23.05
C LYS B 121 30.61 -13.66 -22.55
N ILE B 122 30.58 -13.94 -21.25
CA ILE B 122 29.52 -14.77 -20.70
C ILE B 122 28.21 -13.99 -20.85
N ALA B 123 28.27 -12.71 -20.55
CA ALA B 123 27.12 -11.82 -20.63
C ALA B 123 26.51 -11.67 -22.01
N ASN B 124 27.35 -11.45 -23.03
CA ASN B 124 26.85 -11.28 -24.39
C ASN B 124 26.56 -12.56 -25.15
N SER B 125 26.99 -13.70 -24.60
CA SER B 125 26.73 -14.96 -25.28
C SER B 125 25.21 -15.15 -25.38
N ASP B 126 24.77 -15.70 -26.51
CA ASP B 126 23.33 -15.95 -26.75
C ASP B 126 22.60 -16.56 -25.54
N LYS B 127 23.34 -17.26 -24.68
CA LYS B 127 22.75 -17.89 -23.49
C LYS B 127 22.25 -16.90 -22.43
N TYR B 128 23.06 -15.87 -22.16
CA TYR B 128 22.75 -14.86 -21.16
C TYR B 128 22.42 -13.45 -21.63
N CYS B 129 22.42 -13.21 -22.94
CA CYS B 129 22.15 -11.86 -23.46
C CYS B 129 20.72 -11.35 -23.39
N THR B 130 20.58 -10.03 -23.51
CA THR B 130 19.29 -9.36 -23.46
C THR B 130 18.32 -9.91 -24.50
N PRO B 131 17.07 -10.12 -24.11
CA PRO B 131 16.09 -10.63 -25.08
C PRO B 131 15.74 -9.49 -26.03
N ARG B 132 15.10 -9.81 -27.15
CA ARG B 132 14.73 -8.73 -28.05
C ARG B 132 13.41 -8.22 -27.52
N TYR B 133 13.20 -6.92 -27.63
CA TYR B 133 11.98 -6.29 -27.15
C TYR B 133 11.83 -4.96 -27.87
N SER B 134 10.68 -4.33 -27.72
CA SER B 134 10.43 -3.06 -28.37
C SER B 134 10.32 -1.95 -27.34
N GLU B 135 9.32 -2.07 -26.47
CA GLU B 135 9.12 -1.08 -25.42
C GLU B 135 9.45 -1.68 -24.06
N PHE B 136 9.91 -0.83 -23.15
CA PHE B 136 10.29 -1.23 -21.80
C PHE B 136 9.26 -2.09 -21.05
N GLU B 137 7.97 -1.76 -21.16
CA GLU B 137 6.92 -2.54 -20.50
C GLU B 137 7.18 -4.01 -20.78
N GLU B 138 7.51 -4.28 -22.03
CA GLU B 138 7.81 -5.62 -22.52
C GLU B 138 9.04 -6.25 -21.89
N LEU B 139 10.13 -5.50 -21.79
CA LEU B 139 11.34 -6.04 -21.17
C LEU B 139 11.04 -6.36 -19.71
N GLU B 140 10.28 -5.47 -19.08
CA GLU B 140 9.90 -5.62 -17.68
C GLU B 140 9.11 -6.91 -17.48
N ARG B 141 8.13 -7.15 -18.35
CA ARG B 141 7.32 -8.35 -18.27
C ARG B 141 8.15 -9.62 -18.41
N LYS B 142 9.18 -9.58 -19.25
CA LYS B 142 10.05 -10.74 -19.46
C LYS B 142 10.92 -10.98 -18.26
N TYR B 143 11.32 -9.89 -17.61
CA TYR B 143 12.15 -9.99 -16.43
C TYR B 143 11.40 -10.73 -15.35
N TRP B 144 10.18 -10.27 -15.06
CA TRP B 144 9.37 -10.87 -14.01
C TRP B 144 8.85 -12.27 -14.35
N LYS B 145 8.82 -12.61 -15.63
CA LYS B 145 8.37 -13.92 -16.07
C LYS B 145 9.49 -14.93 -16.03
N ASN B 146 10.70 -14.46 -16.35
CA ASN B 146 11.87 -15.32 -16.42
C ASN B 146 12.94 -15.23 -15.33
N LEU B 147 12.73 -14.44 -14.27
CA LEU B 147 13.80 -14.33 -13.26
C LEU B 147 14.19 -15.62 -12.53
N THR B 148 13.32 -16.63 -12.47
CA THR B 148 13.72 -17.86 -11.78
C THR B 148 14.45 -18.80 -12.73
N PHE B 149 14.44 -18.49 -14.02
CA PHE B 149 15.10 -19.35 -15.01
C PHE B 149 16.50 -18.88 -15.38
N ASN B 150 17.30 -19.82 -15.88
CA ASN B 150 18.67 -19.54 -16.34
C ASN B 150 19.40 -18.48 -15.50
N PRO B 151 19.72 -18.81 -14.24
CA PRO B 151 20.40 -17.88 -13.34
C PRO B 151 21.66 -17.20 -13.89
N PRO B 152 21.67 -15.86 -13.91
CA PRO B 152 22.79 -15.07 -14.40
C PRO B 152 23.86 -14.86 -13.34
N ILE B 153 24.95 -14.23 -13.74
CA ILE B 153 26.06 -13.95 -12.84
C ILE B 153 26.17 -12.44 -12.70
N TYR B 154 26.42 -11.97 -11.49
CA TYR B 154 26.53 -10.53 -11.26
C TYR B 154 27.93 -10.32 -10.70
N GLY B 155 28.66 -9.37 -11.27
CA GLY B 155 30.00 -9.08 -10.78
C GLY B 155 29.82 -7.92 -9.83
N ALA B 156 29.19 -8.21 -8.69
CA ALA B 156 28.91 -7.20 -7.68
C ALA B 156 29.93 -7.06 -6.57
N ASP B 157 29.81 -5.94 -5.86
CA ASP B 157 30.65 -5.59 -4.73
C ASP B 157 32.15 -5.63 -5.01
N VAL B 158 32.59 -5.11 -6.14
CA VAL B 158 34.02 -5.14 -6.37
C VAL B 158 34.64 -3.82 -5.91
N ASN B 159 35.51 -3.91 -4.90
CA ASN B 159 36.16 -2.74 -4.35
C ASN B 159 36.83 -1.97 -5.48
N GLY B 160 36.62 -0.66 -5.55
CA GLY B 160 37.25 0.12 -6.59
C GLY B 160 36.41 1.23 -7.15
N THR B 161 37.05 2.08 -7.96
CA THR B 161 36.41 3.22 -8.59
C THR B 161 36.91 3.35 -10.02
N LEU B 162 36.10 3.90 -10.91
CA LEU B 162 36.53 4.08 -12.29
C LEU B 162 36.77 5.56 -12.60
N TYR B 163 36.70 6.38 -11.54
CA TYR B 163 36.91 7.81 -11.66
C TYR B 163 38.39 8.09 -11.76
N GLU B 164 38.76 9.07 -12.58
CA GLU B 164 40.17 9.40 -12.68
C GLU B 164 40.47 10.24 -11.42
N LYS B 165 41.62 10.01 -10.78
CA LYS B 165 42.01 10.69 -9.55
C LYS B 165 41.96 12.23 -9.55
N HIS B 166 41.61 12.85 -10.67
CA HIS B 166 41.55 14.31 -10.70
C HIS B 166 40.14 14.87 -10.83
N VAL B 167 39.16 14.01 -11.10
CA VAL B 167 37.79 14.50 -11.23
C VAL B 167 37.29 14.98 -9.87
N ASP B 168 36.86 16.23 -9.78
CA ASP B 168 36.40 16.80 -8.52
C ASP B 168 34.91 17.09 -8.37
N GLU B 169 34.11 16.73 -9.36
CA GLU B 169 32.67 16.94 -9.26
C GLU B 169 32.04 15.56 -9.04
N TRP B 170 31.21 15.43 -8.01
CA TRP B 170 30.55 14.16 -7.71
C TRP B 170 31.46 12.94 -7.80
N ASN B 171 32.66 13.05 -7.23
CA ASN B 171 33.57 11.91 -7.25
C ASN B 171 33.17 10.97 -6.13
N ILE B 172 32.54 9.87 -6.49
CA ILE B 172 32.10 8.87 -5.53
C ILE B 172 33.22 8.38 -4.60
N GLY B 173 34.46 8.56 -5.02
CA GLY B 173 35.58 8.13 -4.20
C GLY B 173 35.89 9.09 -3.07
N ARG B 174 35.37 10.30 -3.18
CA ARG B 174 35.60 11.33 -2.17
C ARG B 174 34.57 12.45 -2.26
N LEU B 175 33.36 12.17 -1.78
CA LEU B 175 32.24 13.12 -1.81
C LEU B 175 32.27 14.18 -0.72
N ARG B 176 33.02 13.96 0.35
CA ARG B 176 33.13 14.95 1.43
C ARG B 176 31.82 15.30 2.18
N THR B 177 31.01 14.30 2.56
CA THR B 177 29.79 14.60 3.31
C THR B 177 30.14 14.31 4.77
N ILE B 178 29.20 14.53 5.69
CA ILE B 178 29.49 14.28 7.08
C ILE B 178 29.70 12.80 7.42
N LEU B 179 29.49 11.91 6.46
CA LEU B 179 29.69 10.50 6.70
C LEU B 179 31.18 10.25 6.88
N ASP B 180 31.99 11.22 6.47
CA ASP B 180 33.45 11.08 6.60
C ASP B 180 33.82 11.07 8.06
N LEU B 181 32.90 11.49 8.92
CA LEU B 181 33.15 11.53 10.34
C LEU B 181 33.47 10.15 10.91
N VAL B 182 32.99 9.10 10.24
CA VAL B 182 33.22 7.73 10.70
C VAL B 182 34.69 7.35 10.58
N GLU B 183 35.27 7.57 9.41
CA GLU B 183 36.67 7.24 9.19
C GLU B 183 37.56 8.20 9.99
N LYS B 184 37.23 9.49 9.88
CA LYS B 184 37.94 10.56 10.57
C LYS B 184 38.09 10.32 12.06
N GLU B 185 37.00 9.90 12.68
CA GLU B 185 36.96 9.66 14.11
C GLU B 185 37.47 8.32 14.63
N SER B 186 37.36 7.26 13.85
CA SER B 186 37.80 5.94 14.29
C SER B 186 38.67 5.15 13.33
N GLY B 187 39.00 5.69 12.16
CA GLY B 187 39.81 4.93 11.23
C GLY B 187 39.03 3.80 10.56
N ILE B 188 37.77 3.63 10.93
CA ILE B 188 36.94 2.57 10.38
C ILE B 188 36.40 2.81 8.97
N THR B 189 36.70 1.88 8.08
CA THR B 189 36.21 1.94 6.72
C THR B 189 35.34 0.71 6.54
N ILE B 190 34.20 0.89 5.89
CA ILE B 190 33.24 -0.18 5.66
C ILE B 190 33.05 -0.25 4.15
N GLU B 191 33.61 -1.28 3.54
CA GLU B 191 33.54 -1.44 2.08
C GLU B 191 32.15 -1.25 1.48
N GLY B 192 32.07 -0.34 0.50
CA GLY B 192 30.82 -0.03 -0.16
C GLY B 192 30.01 1.05 0.52
N VAL B 193 30.31 1.33 1.78
CA VAL B 193 29.59 2.35 2.54
C VAL B 193 30.38 3.64 2.51
N ASN B 194 31.60 3.65 3.04
CA ASN B 194 32.39 4.87 2.94
C ASN B 194 33.59 4.65 2.03
N THR B 195 33.43 3.72 1.09
CA THR B 195 34.42 3.38 0.05
C THR B 195 33.58 2.91 -1.14
N PRO B 196 34.05 3.17 -2.37
CA PRO B 196 33.29 2.76 -3.56
C PRO B 196 33.29 1.28 -3.92
N TYR B 197 32.22 0.89 -4.62
CA TYR B 197 31.99 -0.47 -5.09
C TYR B 197 31.66 -0.34 -6.57
N LEU B 198 32.03 -1.36 -7.35
CA LEU B 198 31.73 -1.39 -8.77
C LEU B 198 30.86 -2.63 -8.96
N TYR B 199 29.91 -2.56 -9.88
CA TYR B 199 29.02 -3.70 -10.14
C TYR B 199 28.95 -3.92 -11.64
N PHE B 200 29.29 -5.13 -12.07
CA PHE B 200 29.22 -5.45 -13.48
C PHE B 200 28.03 -6.39 -13.63
N GLY B 201 27.00 -5.94 -14.33
CA GLY B 201 25.84 -6.80 -14.50
C GLY B 201 25.74 -7.44 -15.86
N MET B 202 24.58 -8.01 -16.10
CA MET B 202 24.21 -8.69 -17.33
C MET B 202 22.72 -8.81 -17.19
N TRP B 203 22.03 -9.05 -18.31
CA TRP B 203 20.57 -9.17 -18.31
C TRP B 203 20.03 -10.03 -17.17
N LYS B 204 18.93 -9.57 -16.60
CA LYS B 204 18.26 -10.28 -15.53
C LYS B 204 18.98 -10.31 -14.17
N THR B 205 20.08 -9.58 -13.98
CA THR B 205 20.71 -9.56 -12.66
C THR B 205 19.87 -8.58 -11.82
N SER B 206 19.65 -8.89 -10.54
CA SER B 206 18.80 -8.05 -9.72
C SER B 206 19.38 -7.58 -8.40
N PHE B 207 18.78 -6.50 -7.88
CA PHE B 207 19.13 -6.04 -6.55
C PHE B 207 17.78 -6.04 -5.84
N ALA B 208 17.69 -6.86 -4.80
CA ALA B 208 16.48 -7.03 -4.02
C ALA B 208 16.03 -5.76 -3.30
N TRP B 209 14.83 -5.77 -2.73
CA TRP B 209 14.29 -4.63 -2.00
C TRP B 209 15.09 -4.39 -0.72
N HIS B 210 15.50 -3.16 -0.50
CA HIS B 210 16.26 -2.80 0.69
C HIS B 210 16.37 -1.28 0.85
N THR B 211 16.85 -0.85 2.01
CA THR B 211 17.16 0.56 2.23
C THR B 211 18.67 0.39 2.44
N GLU B 212 19.40 1.48 2.48
CA GLU B 212 20.84 1.37 2.68
C GLU B 212 21.16 1.03 4.12
N ASP B 213 22.40 0.61 4.36
CA ASP B 213 22.85 0.29 5.71
C ASP B 213 22.69 1.54 6.56
N MET B 214 22.22 1.37 7.79
CA MET B 214 22.00 2.50 8.70
C MET B 214 21.04 3.51 8.06
N ASP B 215 20.31 3.06 7.05
CA ASP B 215 19.35 3.91 6.34
C ASP B 215 19.99 5.19 5.85
N LEU B 216 21.18 5.07 5.27
CA LEU B 216 21.92 6.20 4.71
C LEU B 216 21.41 6.52 3.30
N TYR B 217 22.07 7.49 2.65
CA TYR B 217 21.79 7.84 1.27
C TYR B 217 22.76 6.99 0.44
N SER B 218 22.52 6.94 -0.85
CA SER B 218 23.43 6.22 -1.73
C SER B 218 23.45 6.99 -3.05
N ILE B 219 24.58 6.89 -3.74
CA ILE B 219 24.73 7.54 -5.03
C ILE B 219 25.19 6.40 -5.96
N ASN B 220 24.54 6.28 -7.11
CA ASN B 220 24.88 5.24 -8.07
C ASN B 220 25.12 5.85 -9.45
N TYR B 221 26.26 5.54 -10.02
CA TYR B 221 26.59 6.05 -11.33
C TYR B 221 26.81 4.90 -12.31
N LEU B 222 26.10 4.95 -13.44
CA LEU B 222 26.21 3.91 -14.45
C LEU B 222 27.25 4.37 -15.48
N HIS B 223 28.48 3.85 -15.34
CA HIS B 223 29.59 4.21 -16.22
C HIS B 223 29.31 3.89 -17.68
N PHE B 224 28.85 2.67 -17.97
CA PHE B 224 28.57 2.28 -19.35
C PHE B 224 27.77 0.96 -19.45
N GLY B 225 27.20 0.73 -20.62
CA GLY B 225 26.45 -0.49 -20.84
C GLY B 225 24.96 -0.29 -20.98
N GLU B 226 24.22 -1.39 -20.85
CA GLU B 226 22.76 -1.32 -20.96
C GLU B 226 22.20 -0.74 -19.67
N PRO B 227 20.97 -0.22 -19.71
CA PRO B 227 20.26 0.40 -18.59
C PRO B 227 20.07 -0.49 -17.37
N LYS B 228 19.64 0.15 -16.28
CA LYS B 228 19.37 -0.51 -15.01
C LYS B 228 18.05 0.12 -14.62
N SER B 229 17.03 -0.70 -14.44
CA SER B 229 15.76 -0.13 -14.06
C SER B 229 15.59 -0.24 -12.55
N TRP B 230 14.97 0.79 -11.96
CA TRP B 230 14.77 0.90 -10.51
C TRP B 230 13.32 0.99 -10.11
N TYR B 231 13.00 0.48 -8.92
CA TYR B 231 11.66 0.59 -8.35
C TYR B 231 11.90 1.23 -7.00
N SER B 232 10.96 2.00 -6.50
CA SER B 232 11.16 2.60 -5.18
CA SER B 232 11.16 2.68 -5.22
C SER B 232 9.83 2.86 -4.48
N VAL B 233 9.89 2.85 -3.15
CA VAL B 233 8.75 3.07 -2.30
C VAL B 233 9.11 4.30 -1.46
N PRO B 234 8.20 5.28 -1.40
CA PRO B 234 8.42 6.50 -0.62
C PRO B 234 8.79 6.18 0.83
N PRO B 235 9.70 6.96 1.41
CA PRO B 235 10.07 6.67 2.80
C PRO B 235 8.86 6.72 3.71
N GLU B 236 7.90 7.57 3.37
CA GLU B 236 6.70 7.69 4.22
C GLU B 236 5.82 6.46 4.18
N HIS B 237 6.03 5.60 3.19
CA HIS B 237 5.25 4.37 3.08
C HIS B 237 6.11 3.12 3.31
N GLY B 238 7.36 3.35 3.74
CA GLY B 238 8.27 2.25 4.01
C GLY B 238 7.75 1.21 4.98
N LYS B 239 7.12 1.62 6.07
CA LYS B 239 6.61 0.66 7.04
C LYS B 239 5.53 -0.23 6.42
N ARG B 240 4.81 0.31 5.44
CA ARG B 240 3.77 -0.46 4.77
C ARG B 240 4.41 -1.60 3.98
N LEU B 241 5.55 -1.34 3.33
CA LEU B 241 6.23 -2.37 2.57
C LEU B 241 6.73 -3.46 3.51
N GLU B 242 7.26 -3.03 4.66
CA GLU B 242 7.79 -3.97 5.66
C GLU B 242 6.71 -4.86 6.25
N ARG B 243 5.52 -4.32 6.46
CA ARG B 243 4.42 -5.13 7.02
C ARG B 243 4.00 -6.16 5.99
N LEU B 244 4.01 -5.77 4.73
CA LEU B 244 3.64 -6.67 3.64
C LEU B 244 4.66 -7.80 3.57
N ALA B 245 5.94 -7.42 3.62
CA ALA B 245 7.03 -8.37 3.56
C ALA B 245 6.98 -9.35 4.73
N LYS B 246 6.71 -8.84 5.92
CA LYS B 246 6.65 -9.68 7.11
C LYS B 246 5.51 -10.69 7.01
N GLY B 247 4.41 -10.25 6.41
CA GLY B 247 3.27 -11.13 6.25
C GLY B 247 3.52 -12.26 5.27
N PHE B 248 4.24 -11.99 4.19
CA PHE B 248 4.54 -13.01 3.19
C PHE B 248 5.68 -13.92 3.55
N PHE B 249 6.54 -13.49 4.46
CA PHE B 249 7.68 -14.30 4.90
C PHE B 249 7.71 -14.31 6.42
N PRO B 250 6.69 -14.89 7.07
CA PRO B 250 6.72 -14.91 8.53
C PRO B 250 8.00 -15.51 9.12
N GLY B 251 8.42 -16.69 8.65
CA GLY B 251 9.62 -17.30 9.19
C GLY B 251 10.82 -16.38 9.19
N SER B 252 11.12 -15.78 8.04
CA SER B 252 12.26 -14.88 7.93
C SER B 252 12.12 -13.74 8.93
N ALA B 253 10.89 -13.24 9.06
CA ALA B 253 10.59 -12.15 9.97
C ALA B 253 10.82 -12.50 11.44
N GLN B 254 10.30 -13.63 11.88
CA GLN B 254 10.45 -14.08 13.27
C GLN B 254 11.92 -14.34 13.60
N SER B 255 12.72 -14.56 12.58
CA SER B 255 14.14 -14.84 12.76
C SER B 255 15.04 -13.62 12.89
N CYS B 256 14.76 -12.62 12.07
CA CYS B 256 15.56 -11.41 12.09
C CYS B 256 14.66 -10.17 12.08
N GLU B 257 14.93 -9.27 13.02
CA GLU B 257 14.14 -8.03 13.13
C GLU B 257 14.23 -7.15 11.89
N ALA B 258 15.10 -7.50 10.95
CA ALA B 258 15.23 -6.72 9.72
C ALA B 258 15.68 -7.59 8.56
N PHE B 259 14.94 -8.66 8.29
CA PHE B 259 15.32 -9.58 7.23
C PHE B 259 15.48 -8.98 5.84
N LEU B 260 14.86 -7.82 5.57
CA LEU B 260 15.02 -7.21 4.25
C LEU B 260 16.47 -6.75 4.02
N ARG B 261 17.20 -6.54 5.12
CA ARG B 261 18.59 -6.11 4.98
C ARG B 261 19.46 -7.24 4.43
N HIS B 262 18.94 -8.46 4.39
CA HIS B 262 19.68 -9.59 3.84
C HIS B 262 19.73 -9.45 2.32
N LYS B 263 18.95 -8.51 1.79
CA LYS B 263 18.88 -8.26 0.36
C LYS B 263 18.60 -9.52 -0.46
N MET B 264 17.64 -10.33 -0.02
CA MET B 264 17.27 -11.56 -0.75
C MET B 264 15.80 -11.58 -1.17
N THR B 265 15.05 -10.55 -0.81
CA THR B 265 13.62 -10.52 -1.10
C THR B 265 13.20 -9.69 -2.29
N LEU B 266 12.59 -10.35 -3.27
CA LEU B 266 12.09 -9.70 -4.49
C LEU B 266 10.57 -9.72 -4.47
N ILE B 267 9.96 -8.60 -4.84
CA ILE B 267 8.51 -8.50 -4.86
C ILE B 267 8.13 -7.69 -6.09
N SER B 268 7.35 -8.28 -6.99
CA SER B 268 7.00 -7.58 -8.22
C SER B 268 6.06 -6.39 -8.03
N PRO B 269 6.06 -5.48 -9.00
CA PRO B 269 5.20 -4.29 -8.91
C PRO B 269 3.70 -4.64 -8.86
N LEU B 270 3.32 -5.72 -9.54
CA LEU B 270 1.93 -6.13 -9.51
C LEU B 270 1.51 -6.55 -8.10
N MET B 271 2.43 -7.19 -7.40
CA MET B 271 2.18 -7.67 -6.04
C MET B 271 2.05 -6.39 -5.22
N LEU B 272 2.95 -5.43 -5.45
CA LEU B 272 2.88 -4.18 -4.73
C LEU B 272 1.56 -3.43 -4.90
N LYS B 273 1.03 -3.28 -6.11
CA LYS B 273 -0.24 -2.56 -6.21
C LYS B 273 -1.44 -3.34 -5.71
N LYS B 274 -1.36 -4.67 -5.83
CA LYS B 274 -2.43 -5.52 -5.36
C LYS B 274 -2.65 -5.29 -3.87
N TYR B 275 -1.59 -4.94 -3.15
CA TYR B 275 -1.66 -4.72 -1.71
C TYR B 275 -1.58 -3.27 -1.28
N GLY B 276 -1.85 -2.36 -2.22
CA GLY B 276 -1.85 -0.94 -1.94
C GLY B 276 -0.52 -0.29 -1.57
N ILE B 277 0.62 -0.81 -2.00
CA ILE B 277 1.86 -0.14 -1.65
C ILE B 277 2.27 0.84 -2.76
N PRO B 278 2.42 2.12 -2.42
CA PRO B 278 2.82 3.11 -3.42
C PRO B 278 4.25 2.89 -3.88
N PHE B 279 4.50 3.01 -5.18
CA PHE B 279 5.83 2.80 -5.69
C PHE B 279 5.91 3.53 -7.02
N ASP B 280 7.13 3.77 -7.48
CA ASP B 280 7.33 4.43 -8.75
C ASP B 280 8.48 3.66 -9.38
N LYS B 281 8.67 3.83 -10.68
CA LYS B 281 9.75 3.13 -11.35
C LYS B 281 10.46 4.13 -12.25
N VAL B 282 11.71 3.84 -12.58
CA VAL B 282 12.48 4.72 -13.44
C VAL B 282 13.62 3.89 -14.01
N THR B 283 14.10 4.26 -15.20
CA THR B 283 15.18 3.53 -15.83
C THR B 283 16.39 4.46 -15.97
N GLN B 284 17.54 3.98 -15.51
CA GLN B 284 18.80 4.72 -15.54
C GLN B 284 19.70 4.32 -16.72
N GLU B 285 20.13 5.31 -17.51
CA GLU B 285 20.99 5.05 -18.67
C GLU B 285 22.47 5.31 -18.34
N ALA B 286 23.35 4.91 -19.23
CA ALA B 286 24.78 5.12 -19.03
C ALA B 286 24.96 6.63 -18.84
N GLY B 287 25.87 7.01 -17.95
CA GLY B 287 26.12 8.42 -17.72
C GLY B 287 25.13 9.21 -16.86
N GLU B 288 24.24 8.51 -16.17
CA GLU B 288 23.26 9.17 -15.30
C GLU B 288 23.46 8.71 -13.85
N PHE B 289 23.08 9.56 -12.90
CA PHE B 289 23.21 9.27 -11.48
C PHE B 289 21.86 8.97 -10.86
N MET B 290 21.87 8.12 -9.83
CA MET B 290 20.67 7.81 -9.10
C MET B 290 21.05 8.09 -7.66
N ILE B 291 20.17 8.78 -6.96
CA ILE B 291 20.38 9.12 -5.56
C ILE B 291 19.26 8.45 -4.76
N THR B 292 19.58 7.61 -3.79
CA THR B 292 18.49 7.03 -2.99
C THR B 292 18.54 7.80 -1.66
N PHE B 293 17.39 7.98 -1.03
CA PHE B 293 17.33 8.71 0.23
C PHE B 293 17.09 7.83 1.45
N PRO B 294 17.32 8.38 2.66
CA PRO B 294 17.13 7.67 3.93
C PRO B 294 15.78 6.97 4.02
N TYR B 295 15.80 5.68 4.32
CA TYR B 295 14.60 4.87 4.45
C TYR B 295 13.82 4.72 3.15
N GLY B 296 14.50 4.92 2.03
CA GLY B 296 13.84 4.74 0.74
C GLY B 296 14.05 3.32 0.27
N TYR B 297 12.99 2.52 0.25
CA TYR B 297 13.12 1.15 -0.24
C TYR B 297 13.16 1.17 -1.74
N HIS B 298 14.13 0.45 -2.29
CA HIS B 298 14.32 0.34 -3.73
C HIS B 298 14.81 -1.05 -4.15
N ALA B 299 14.52 -1.39 -5.40
CA ALA B 299 14.90 -2.67 -6.01
C ALA B 299 15.05 -2.45 -7.51
N GLY B 300 15.57 -3.43 -8.23
CA GLY B 300 15.73 -3.26 -9.65
C GLY B 300 16.46 -4.39 -10.37
N PHE B 301 16.75 -4.17 -11.64
CA PHE B 301 17.46 -5.17 -12.45
C PHE B 301 18.20 -4.51 -13.60
N ASN B 302 19.25 -5.16 -14.09
CA ASN B 302 20.02 -4.61 -15.19
C ASN B 302 19.47 -5.13 -16.51
N HIS B 303 19.51 -4.30 -17.55
CA HIS B 303 19.02 -4.71 -18.86
C HIS B 303 19.99 -5.61 -19.58
N GLY B 304 21.28 -5.40 -19.35
CA GLY B 304 22.29 -6.23 -19.99
C GLY B 304 23.68 -6.02 -19.39
N PHE B 305 24.69 -6.00 -20.25
CA PHE B 305 26.04 -5.80 -19.74
C PHE B 305 26.17 -4.31 -19.39
N ASN B 306 26.73 -4.04 -18.21
CA ASN B 306 26.93 -2.67 -17.79
C ASN B 306 27.90 -2.62 -16.62
N CYS B 307 28.24 -1.41 -16.22
CA CYS B 307 29.16 -1.21 -15.11
C CYS B 307 28.64 -0.06 -14.28
N ALA B 308 28.46 -0.28 -12.98
CA ALA B 308 27.97 0.79 -12.11
C ALA B 308 28.88 0.98 -10.92
N GLU B 309 28.84 2.18 -10.36
CA GLU B 309 29.66 2.50 -9.19
C GLU B 309 28.78 3.20 -8.16
N SER B 310 28.96 2.85 -6.89
CA SER B 310 28.16 3.46 -5.83
C SER B 310 28.85 3.45 -4.47
N THR B 311 28.30 4.25 -3.57
CA THR B 311 28.77 4.36 -2.19
C THR B 311 27.63 5.08 -1.45
N ASN B 312 27.74 5.13 -0.14
CA ASN B 312 26.75 5.79 0.68
C ASN B 312 27.29 7.15 1.08
N PHE B 313 26.40 8.01 1.54
CA PHE B 313 26.80 9.33 2.02
C PHE B 313 25.72 9.81 2.97
N ALA B 314 25.96 10.90 3.66
CA ALA B 314 24.99 11.40 4.61
C ALA B 314 24.82 12.91 4.52
N THR B 315 23.81 13.43 5.22
CA THR B 315 23.53 14.87 5.32
C THR B 315 23.11 14.92 6.79
N ARG B 316 22.88 16.12 7.31
CA ARG B 316 22.46 16.24 8.69
C ARG B 316 21.10 15.60 8.99
N ARG B 317 20.23 15.55 7.98
CA ARG B 317 18.89 14.97 8.16
C ARG B 317 18.99 13.47 8.46
N TRP B 318 20.02 12.83 7.92
CA TRP B 318 20.23 11.41 8.12
C TRP B 318 20.50 10.99 9.57
N ILE B 319 21.14 11.84 10.35
CA ILE B 319 21.47 11.48 11.72
C ILE B 319 20.34 10.83 12.50
N GLU B 320 19.15 11.41 12.44
CA GLU B 320 18.01 10.85 13.16
C GLU B 320 17.66 9.48 12.60
N TYR B 321 17.79 9.34 11.28
CA TYR B 321 17.51 8.06 10.64
C TYR B 321 18.53 7.05 11.15
N GLY B 322 19.78 7.48 11.24
CA GLY B 322 20.82 6.59 11.75
C GLY B 322 20.49 6.10 13.15
N LYS B 323 20.07 7.03 14.01
CA LYS B 323 19.75 6.69 15.39
C LYS B 323 18.61 5.72 15.52
N GLN B 324 17.68 5.77 14.57
CA GLN B 324 16.51 4.89 14.67
C GLN B 324 16.51 3.68 13.74
N ALA B 325 17.57 3.48 12.97
CA ALA B 325 17.63 2.36 12.04
C ALA B 325 17.51 0.99 12.69
N VAL B 326 16.55 0.19 12.25
CA VAL B 326 16.38 -1.16 12.79
C VAL B 326 17.39 -2.04 12.04
N LEU B 327 18.40 -2.54 12.76
CA LEU B 327 19.45 -3.37 12.18
C LEU B 327 19.23 -4.87 12.23
N CYS B 328 19.94 -5.57 11.35
CA CYS B 328 19.90 -7.02 11.26
C CYS B 328 20.41 -7.58 12.59
N SER B 329 19.62 -8.45 13.20
CA SER B 329 19.96 -9.05 14.48
C SER B 329 20.41 -10.49 14.37
N CYS B 330 20.58 -11.01 13.15
CA CYS B 330 20.97 -12.41 13.02
C CYS B 330 22.30 -12.75 12.38
N ARG B 331 23.02 -11.79 11.81
CA ARG B 331 24.30 -12.13 11.18
C ARG B 331 25.49 -11.45 11.83
N LYS B 332 26.66 -11.67 11.23
CA LYS B 332 27.87 -11.07 11.74
C LYS B 332 28.51 -10.35 10.61
N ASP B 333 29.14 -9.24 10.93
CA ASP B 333 29.80 -8.42 9.93
C ASP B 333 28.72 -7.64 9.22
N MET B 334 27.57 -7.48 9.89
CA MET B 334 26.50 -6.69 9.32
C MET B 334 26.87 -5.30 9.75
N VAL B 335 26.77 -4.34 8.84
CA VAL B 335 27.15 -2.96 9.13
C VAL B 335 26.40 -2.23 10.24
N LYS B 336 27.16 -1.84 11.26
CA LYS B 336 26.65 -1.09 12.41
C LYS B 336 27.58 0.08 12.66
N ILE B 337 27.09 1.29 12.39
CA ILE B 337 27.87 2.51 12.60
C ILE B 337 27.48 3.13 13.94
N SER B 338 28.48 3.51 14.72
CA SER B 338 28.25 4.15 16.01
C SER B 338 27.76 5.59 15.74
N MET B 339 26.55 5.90 16.22
CA MET B 339 25.94 7.23 16.03
C MET B 339 26.46 8.26 17.01
N ASP B 340 27.17 7.80 18.02
CA ASP B 340 27.73 8.65 19.06
C ASP B 340 28.40 9.95 18.64
N VAL B 341 29.37 9.87 17.73
CA VAL B 341 30.06 11.09 17.32
C VAL B 341 29.09 12.05 16.62
N PHE B 342 28.12 11.50 15.90
CA PHE B 342 27.17 12.36 15.23
C PHE B 342 26.24 13.07 16.20
N VAL B 343 25.77 12.37 17.22
CA VAL B 343 24.88 12.99 18.18
C VAL B 343 25.61 14.09 18.97
N ARG B 344 26.81 13.77 19.47
CA ARG B 344 27.60 14.73 20.22
C ARG B 344 27.82 16.00 19.43
N LYS B 345 28.26 15.84 18.18
CA LYS B 345 28.57 16.98 17.32
C LYS B 345 27.40 17.74 16.70
N PHE B 346 26.33 17.04 16.33
CA PHE B 346 25.22 17.75 15.70
C PHE B 346 23.95 17.88 16.55
N GLN B 347 23.87 17.12 17.64
CA GLN B 347 22.70 17.16 18.53
C GLN B 347 23.19 17.21 19.98
N PRO B 348 24.12 18.11 20.29
CA PRO B 348 24.65 18.19 21.67
C PRO B 348 23.57 18.28 22.75
N GLU B 349 22.49 18.99 22.48
CA GLU B 349 21.42 19.16 23.47
C GLU B 349 20.64 17.89 23.73
N ARG B 350 20.78 16.89 22.86
CA ARG B 350 20.05 15.64 23.04
C ARG B 350 20.94 14.45 23.45
N TYR B 351 22.25 14.64 23.40
CA TYR B 351 23.18 13.57 23.75
C TYR B 351 22.82 12.83 25.03
N LYS B 352 22.66 13.57 26.12
CA LYS B 352 22.33 12.96 27.40
C LYS B 352 21.01 12.21 27.33
N LEU B 353 19.99 12.83 26.75
CA LEU B 353 18.68 12.19 26.65
C LEU B 353 18.76 10.93 25.81
N TRP B 354 19.53 10.99 24.73
CA TRP B 354 19.68 9.86 23.83
C TRP B 354 20.41 8.71 24.55
N LYS B 355 21.57 9.00 25.14
CA LYS B 355 22.33 7.98 25.87
C LYS B 355 21.47 7.32 26.96
N ALA B 356 20.51 8.05 27.49
CA ALA B 356 19.64 7.52 28.55
C ALA B 356 18.49 6.73 27.97
N GLY B 357 18.43 6.67 26.65
CA GLY B 357 17.38 5.94 25.98
C GLY B 357 16.03 6.61 26.11
N LYS B 358 16.00 7.95 26.18
CA LYS B 358 14.75 8.68 26.30
C LYS B 358 14.49 9.70 25.19
N ASP B 359 15.33 9.70 24.17
CA ASP B 359 15.14 10.62 23.05
C ASP B 359 14.02 10.04 22.18
N ASN B 360 12.82 10.60 22.29
CA ASN B 360 11.66 10.10 21.54
C ASN B 360 11.23 10.91 20.33
N THR B 361 12.17 11.54 19.63
CA THR B 361 11.78 12.31 18.45
C THR B 361 11.22 11.38 17.38
N VAL B 362 10.18 11.85 16.70
CA VAL B 362 9.52 11.12 15.63
C VAL B 362 9.99 11.75 14.33
N ILE B 363 10.40 10.93 13.36
CA ILE B 363 10.87 11.46 12.09
C ILE B 363 9.72 11.84 11.15
N ASP B 364 9.83 13.00 10.52
CA ASP B 364 8.85 13.46 9.56
C ASP B 364 9.58 13.30 8.24
N HIS B 365 9.22 12.28 7.49
CA HIS B 365 9.87 11.99 6.22
C HIS B 365 9.77 13.07 5.13
N THR B 366 8.83 13.99 5.26
CA THR B 366 8.68 15.04 4.24
C THR B 366 9.63 16.24 4.38
N LEU B 367 10.11 16.48 5.61
CA LEU B 367 11.02 17.58 5.89
C LEU B 367 12.35 17.49 5.16
N PRO B 368 12.78 18.59 4.51
CA PRO B 368 14.07 18.51 3.82
C PRO B 368 15.20 18.70 4.84
N THR B 369 16.43 18.39 4.44
CA THR B 369 17.56 18.52 5.36
C THR B 369 17.80 19.98 5.72
N PRO B 370 18.33 20.25 6.94
CA PRO B 370 18.57 21.65 7.29
C PRO B 370 19.40 22.50 6.31
N GLU B 371 20.41 21.91 5.68
CA GLU B 371 21.24 22.62 4.71
C GLU B 371 20.46 23.23 3.55
N ALA B 372 19.16 22.94 3.47
CA ALA B 372 18.32 23.44 2.38
C ALA B 372 17.65 24.77 2.69
N ALA B 373 17.95 25.33 3.86
CA ALA B 373 17.37 26.59 4.28
C ALA B 373 17.46 27.65 3.19
N GLU B 374 18.67 27.87 2.68
CA GLU B 374 18.89 28.88 1.65
C GLU B 374 18.12 28.77 0.33
N PHE B 375 17.41 27.66 0.11
CA PHE B 375 16.65 27.52 -1.14
C PHE B 375 15.17 27.61 -0.82
N LEU B 376 14.88 27.89 0.45
CA LEU B 376 13.51 27.99 0.91
C LEU B 376 13.28 29.38 1.48
N LYS B 377 14.13 30.33 1.07
CA LYS B 377 14.04 31.71 1.54
C LYS B 377 13.28 32.62 0.57
NI NI C . -21.92 -1.87 5.29
ZN ZN D . -32.28 -6.52 17.53
CL CL E . -24.59 -3.83 28.09
O10 DZA F . -7.59 -15.40 -14.32
C09 DZA F . -7.05 -14.61 -15.11
O11 DZA F . -5.82 -14.48 -15.28
C08 DZA F . -7.97 -13.69 -15.91
C07 DZA F . -8.20 -12.40 -15.12
C02 DZA F . -9.10 -11.46 -15.90
O01 DZA F . -8.62 -10.60 -16.64
N03 DZA F . -10.42 -11.67 -15.74
N04 DZA F . -11.14 -11.00 -16.29
C06 DZA F . -11.08 -11.24 -17.74
C05 DZA F . -12.49 -11.26 -15.82
O10 DZA G . -20.65 5.11 4.15
C09 DZA G . -21.32 4.58 5.04
O11 DZA G . -21.67 5.11 6.13
C08 DZA G . -21.75 3.12 4.83
C07 DZA G . -20.53 2.28 4.46
C02 DZA G . -20.92 0.80 4.44
O01 DZA G . -20.83 0.11 5.45
N03 DZA G . -21.49 0.38 3.31
N04 DZA G . -21.78 -0.70 3.27
C06 DZA G . -22.90 -0.93 2.36
C05 DZA G . -20.61 -1.51 2.86
NI NI H . 20.67 0.35 -2.73
ZN ZN I . 19.45 -10.64 9.87
CL CL J . 9.25 -17.32 5.24
O10 DZA K . 22.71 -3.32 -8.21
C09 DZA K . 22.79 -2.09 -8.31
O11 DZA K . 23.61 -1.44 -9.00
C08 DZA K . 22.06 -1.29 -7.21
C07 DZA K . 23.05 -1.16 -6.05
C02 DZA K . 22.39 -0.54 -4.81
O01 DZA K . 21.19 -0.34 -4.75
N03 DZA K . 23.25 -0.37 -3.80
N04 DZA K . 22.85 0.09 -2.85
C06 DZA K . 22.72 -0.94 -1.80
C05 DZA K . 23.79 1.11 -2.41
C1 GOL L . 22.30 18.80 12.92
O1 GOL L . 22.61 20.19 12.97
C2 GOL L . 20.85 18.57 13.38
O2 GOL L . 19.95 19.28 12.54
C3 GOL L . 20.48 17.07 13.35
O3 GOL L . 19.12 16.90 13.77
#